data_4Q8S
#
_entry.id   4Q8S
#
_cell.length_a   88.810
_cell.length_b   101.566
_cell.length_c   162.894
_cell.angle_alpha   90.00
_cell.angle_beta   90.00
_cell.angle_gamma   90.00
#
_symmetry.space_group_name_H-M   'I 2 2 2'
#
loop_
_entity.id
_entity.type
_entity.pdbx_description
1 polymer 'Peptidoglycan recognition protein 1'
2 non-polymer '4-nitrophenyl hexadecanoate'
3 non-polymer 2-acetamido-2-deoxy-beta-D-glucopyranose
4 non-polymer GLYCEROL
5 non-polymer 'L(+)-TARTARIC ACID'
6 water water
#
_entity_poly.entity_id   1
_entity_poly.type   'polypeptide(L)'
_entity_poly.pdbx_seq_one_letter_code
;EDPPACGSIVPRREWRALASECRERLTRPVRYVVVSHTAGSHCDTPASCAQQAQNVQSYHVRNLGWCDVGYNFLIGEDGL
VYEGRGWNIKGAHAGPTWNPISIGISFMGNYMNRVPPPRALRAAQNLLACGVALGALRSNYEVKGHRDVQPTLSPGDRLY
EIIQTWSHYRA
;
_entity_poly.pdbx_strand_id   A,B,C,D
#
loop_
_chem_comp.id
_chem_comp.type
_chem_comp.name
_chem_comp.formula
GOL non-polymer GLYCEROL 'C3 H8 O3'
NAG D-saccharide, beta linking 2-acetamido-2-deoxy-beta-D-glucopyranose 'C8 H15 N O6'
PNR non-polymer '4-nitrophenyl hexadecanoate' 'C22 H35 N O4'
TLA non-polymer 'L(+)-TARTARIC ACID' 'C4 H6 O6'
#
# COMPACT_ATOMS: atom_id res chain seq x y z
N GLU A 1 11.62 -26.85 -4.83
CA GLU A 1 11.18 -25.44 -5.10
C GLU A 1 9.83 -25.29 -5.83
N ASP A 2 8.80 -24.81 -5.12
CA ASP A 2 7.50 -24.56 -5.75
C ASP A 2 7.74 -23.16 -6.29
N PRO A 3 7.86 -23.03 -7.63
CA PRO A 3 8.13 -21.72 -8.22
C PRO A 3 7.14 -20.88 -9.02
N PRO A 4 6.49 -19.92 -8.34
CA PRO A 4 5.55 -19.03 -9.04
C PRO A 4 6.29 -17.68 -8.92
N ALA A 5 7.13 -17.39 -9.92
CA ALA A 5 7.96 -16.18 -9.96
C ALA A 5 7.23 -14.86 -10.16
N CYS A 6 7.80 -13.80 -9.59
CA CYS A 6 7.22 -12.47 -9.73
C CYS A 6 8.25 -11.53 -10.38
N GLY A 7 7.75 -10.59 -11.16
CA GLY A 7 8.61 -9.64 -11.82
C GLY A 7 9.73 -10.28 -12.63
N SER A 8 10.62 -9.41 -13.09
CA SER A 8 11.75 -9.84 -13.87
C SER A 8 12.93 -9.29 -13.10
N ILE A 9 13.89 -10.15 -12.81
CA ILE A 9 15.07 -9.74 -12.09
C ILE A 9 16.23 -10.40 -12.81
N VAL A 10 17.28 -9.65 -13.05
CA VAL A 10 18.45 -10.18 -13.70
C VAL A 10 19.14 -10.99 -12.61
N PRO A 11 19.09 -12.33 -12.70
CA PRO A 11 19.73 -13.17 -11.67
C PRO A 11 21.23 -12.99 -11.58
N ARG A 12 21.76 -13.25 -10.38
CA ARG A 12 23.19 -13.14 -10.06
C ARG A 12 24.16 -13.53 -11.16
N ARG A 13 23.99 -14.76 -11.66
CA ARG A 13 24.85 -15.33 -12.69
C ARG A 13 24.86 -14.56 -14.00
N GLU A 14 23.69 -14.03 -14.38
CA GLU A 14 23.59 -13.30 -15.63
C GLU A 14 24.49 -12.05 -15.58
N TRP A 15 24.57 -11.39 -14.44
CA TRP A 15 25.44 -10.23 -14.38
C TRP A 15 26.84 -10.62 -13.91
N ARG A 16 27.14 -11.91 -13.95
CA ARG A 16 28.44 -12.48 -13.54
C ARG A 16 28.87 -12.17 -12.12
N ALA A 17 28.02 -12.41 -11.15
CA ALA A 17 28.34 -12.12 -9.76
C ALA A 17 29.16 -13.17 -9.02
N LEU A 18 30.13 -12.69 -8.25
CA LEU A 18 30.96 -13.56 -7.44
C LEU A 18 29.97 -14.27 -6.52
N ALA A 19 30.24 -15.53 -6.19
CA ALA A 19 29.34 -16.28 -5.33
C ALA A 19 29.25 -15.58 -3.99
N SER A 20 28.10 -15.67 -3.34
CA SER A 20 27.94 -15.03 -2.05
C SER A 20 28.44 -15.90 -0.90
N GLU A 21 28.94 -15.25 0.14
CA GLU A 21 29.42 -15.97 1.32
C GLU A 21 28.52 -15.61 2.49
N CYS A 22 27.43 -14.88 2.20
CA CYS A 22 26.47 -14.44 3.23
C CYS A 22 25.61 -15.59 3.73
N ARG A 23 25.26 -15.56 5.01
CA ARG A 23 24.47 -16.61 5.62
C ARG A 23 23.29 -16.18 6.51
N GLU A 24 23.43 -15.06 7.21
CA GLU A 24 22.36 -14.59 8.08
C GLU A 24 21.09 -14.22 7.32
N ARG A 25 20.04 -14.98 7.55
CA ARG A 25 18.76 -14.76 6.87
C ARG A 25 17.91 -13.66 7.53
N LEU A 26 17.00 -13.09 6.74
CA LEU A 26 16.10 -12.06 7.24
C LEU A 26 14.83 -12.76 7.65
N THR A 27 14.03 -12.14 8.51
CA THR A 27 12.80 -12.77 8.94
C THR A 27 11.63 -12.25 8.11
N ARG A 28 10.92 -13.17 7.46
CA ARG A 28 9.79 -12.83 6.62
C ARG A 28 8.49 -12.86 7.42
N PRO A 29 7.60 -11.89 7.19
CA PRO A 29 7.78 -10.81 6.22
C PRO A 29 8.53 -9.58 6.76
N VAL A 30 9.23 -8.89 5.87
CA VAL A 30 9.98 -7.70 6.26
C VAL A 30 9.10 -6.47 6.16
N ARG A 31 9.22 -5.59 7.13
CA ARG A 31 8.43 -4.38 7.23
C ARG A 31 8.99 -3.14 6.55
N TYR A 32 10.32 -3.03 6.51
CA TYR A 32 10.93 -1.86 5.91
C TYR A 32 11.73 -2.13 4.63
N VAL A 33 11.82 -1.09 3.81
CA VAL A 33 12.59 -1.11 2.57
C VAL A 33 13.29 0.23 2.61
N VAL A 34 14.60 0.20 2.45
CA VAL A 34 15.38 1.42 2.50
C VAL A 34 15.90 1.73 1.10
N VAL A 35 15.62 2.93 0.59
CA VAL A 35 16.05 3.33 -0.74
C VAL A 35 17.29 4.21 -0.72
N SER A 36 18.33 3.73 -1.39
CA SER A 36 19.60 4.43 -1.47
C SER A 36 19.97 4.57 -2.94
N HIS A 37 21.10 5.21 -3.21
CA HIS A 37 21.60 5.31 -4.55
C HIS A 37 23.04 4.86 -4.33
N THR A 38 23.69 4.30 -5.34
CA THR A 38 25.05 3.81 -5.20
C THR A 38 26.05 4.94 -5.15
N ALA A 39 25.64 6.08 -5.69
CA ALA A 39 26.48 7.28 -5.74
C ALA A 39 27.54 7.08 -6.83
N GLY A 40 27.47 5.95 -7.54
CA GLY A 40 28.42 5.66 -8.60
C GLY A 40 27.97 6.09 -10.00
N SER A 41 28.56 5.51 -11.04
CA SER A 41 28.21 5.85 -12.42
C SER A 41 26.86 5.25 -12.78
N HIS A 42 26.13 5.87 -13.69
CA HIS A 42 24.86 5.28 -14.08
C HIS A 42 25.05 4.49 -15.38
N CYS A 43 24.03 3.73 -15.76
CA CYS A 43 24.08 2.91 -16.97
C CYS A 43 22.66 2.83 -17.50
N ASP A 44 22.49 2.77 -18.82
CA ASP A 44 21.16 2.69 -19.39
C ASP A 44 20.95 1.49 -20.32
N THR A 45 21.89 0.54 -20.31
CA THR A 45 21.75 -0.64 -21.15
C THR A 45 22.02 -1.86 -20.30
N PRO A 46 21.41 -3.00 -20.65
CA PRO A 46 21.66 -4.19 -19.84
C PRO A 46 23.14 -4.53 -19.82
N ALA A 47 23.83 -4.19 -20.91
CA ALA A 47 25.25 -4.46 -21.01
C ALA A 47 26.06 -3.59 -20.04
N SER A 48 25.75 -2.30 -19.96
CA SER A 48 26.47 -1.41 -19.07
C SER A 48 26.02 -1.53 -17.62
N CYS A 49 24.79 -2.00 -17.41
CA CYS A 49 24.27 -2.17 -16.07
C CYS A 49 24.68 -3.50 -15.44
N ALA A 50 24.97 -4.49 -16.27
CA ALA A 50 25.40 -5.77 -15.73
C ALA A 50 26.79 -5.43 -15.22
N GLN A 51 27.51 -4.67 -16.04
CA GLN A 51 28.85 -4.24 -15.71
C GLN A 51 28.89 -3.50 -14.38
N GLN A 52 28.05 -2.50 -14.23
CA GLN A 52 27.99 -1.71 -13.00
C GLN A 52 27.61 -2.56 -11.79
N ALA A 53 26.71 -3.51 -11.95
CA ALA A 53 26.34 -4.37 -10.84
C ALA A 53 27.60 -5.15 -10.41
N GLN A 54 28.41 -5.62 -11.37
CA GLN A 54 29.63 -6.34 -11.03
C GLN A 54 30.59 -5.40 -10.28
N ASN A 55 30.68 -4.16 -10.76
CA ASN A 55 31.56 -3.15 -10.19
C ASN A 55 31.23 -2.78 -8.76
N VAL A 56 29.95 -2.66 -8.47
CA VAL A 56 29.52 -2.33 -7.13
C VAL A 56 29.79 -3.51 -6.22
N GLN A 57 29.47 -4.71 -6.72
CA GLN A 57 29.71 -5.91 -5.93
C GLN A 57 31.20 -6.13 -5.64
N SER A 58 32.06 -5.83 -6.61
CA SER A 58 33.50 -6.00 -6.41
C SER A 58 34.02 -5.00 -5.38
N TYR A 59 33.48 -3.81 -5.40
CA TYR A 59 33.90 -2.78 -4.47
C TYR A 59 33.57 -3.16 -3.02
N HIS A 60 32.39 -3.72 -2.83
CA HIS A 60 31.91 -4.15 -1.53
C HIS A 60 32.63 -5.39 -1.02
N VAL A 61 32.74 -6.40 -1.88
CA VAL A 61 33.40 -7.63 -1.50
C VAL A 61 34.91 -7.44 -1.39
N ARG A 62 35.53 -6.86 -2.41
CA ARG A 62 36.97 -6.67 -2.42
C ARG A 62 37.55 -5.53 -1.56
N ASN A 63 36.90 -4.37 -1.52
CA ASN A 63 37.43 -3.26 -0.72
C ASN A 63 36.86 -3.16 0.69
N LEU A 64 35.61 -3.57 0.86
CA LEU A 64 34.99 -3.49 2.16
C LEU A 64 34.99 -4.80 2.94
N GLY A 65 35.29 -5.91 2.27
CA GLY A 65 35.30 -7.19 2.95
C GLY A 65 33.94 -7.78 3.33
N TRP A 66 32.89 -7.36 2.62
CA TRP A 66 31.55 -7.88 2.89
C TRP A 66 31.37 -9.24 2.26
N CYS A 67 30.33 -9.96 2.67
CA CYS A 67 30.08 -11.31 2.15
C CYS A 67 29.48 -11.32 0.74
N ASP A 68 28.89 -10.19 0.35
CA ASP A 68 28.20 -10.06 -0.93
C ASP A 68 27.91 -8.58 -1.21
N VAL A 69 27.50 -8.25 -2.43
CA VAL A 69 27.07 -6.88 -2.70
C VAL A 69 26.18 -6.57 -1.49
N GLY A 70 26.27 -5.37 -0.96
CA GLY A 70 25.48 -5.05 0.22
C GLY A 70 23.98 -4.92 0.06
N TYR A 71 23.53 -4.65 -1.16
CA TYR A 71 22.11 -4.45 -1.43
C TYR A 71 21.39 -5.75 -1.76
N ASN A 72 20.13 -5.83 -1.39
CA ASN A 72 19.32 -7.01 -1.67
C ASN A 72 19.02 -6.98 -3.18
N PHE A 73 18.89 -5.76 -3.73
CA PHE A 73 18.63 -5.51 -5.16
C PHE A 73 19.16 -4.15 -5.62
N LEU A 74 19.48 -4.08 -6.91
CA LEU A 74 19.96 -2.85 -7.50
C LEU A 74 19.04 -2.51 -8.68
N ILE A 75 18.89 -1.23 -8.97
CA ILE A 75 18.03 -0.77 -10.05
C ILE A 75 18.84 -0.08 -11.13
N GLY A 76 18.69 -0.53 -12.38
CA GLY A 76 19.42 0.11 -13.46
C GLY A 76 18.60 1.13 -14.22
N GLU A 77 19.25 2.14 -14.79
CA GLU A 77 18.51 3.13 -15.55
C GLU A 77 18.08 2.49 -16.86
N ASP A 78 18.41 1.22 -17.00
CA ASP A 78 18.07 0.47 -18.19
C ASP A 78 16.67 -0.11 -17.94
N GLY A 79 16.19 0.09 -16.71
CA GLY A 79 14.88 -0.38 -16.34
C GLY A 79 14.81 -1.80 -15.83
N LEU A 80 15.96 -2.39 -15.53
CA LEU A 80 15.96 -3.75 -15.02
C LEU A 80 16.37 -3.78 -13.55
N VAL A 81 15.94 -4.83 -12.86
CA VAL A 81 16.27 -5.02 -11.47
C VAL A 81 17.39 -6.05 -11.43
N TYR A 82 18.43 -5.76 -10.67
CA TYR A 82 19.54 -6.69 -10.57
C TYR A 82 19.51 -7.30 -9.19
N GLU A 83 19.54 -8.63 -9.16
CA GLU A 83 19.51 -9.37 -7.91
C GLU A 83 20.80 -9.26 -7.11
N GLY A 84 20.63 -8.88 -5.84
CA GLY A 84 21.76 -8.75 -4.94
C GLY A 84 21.68 -9.89 -3.95
N ARG A 85 21.56 -9.58 -2.67
CA ARG A 85 21.45 -10.62 -1.66
C ARG A 85 20.08 -11.28 -1.73
N GLY A 86 19.14 -10.65 -2.43
CA GLY A 86 17.82 -11.22 -2.56
C GLY A 86 16.83 -10.87 -1.47
N TRP A 87 15.73 -11.61 -1.43
CA TRP A 87 14.64 -11.43 -0.47
C TRP A 87 14.85 -12.02 0.93
N ASN A 88 15.61 -13.11 1.02
CA ASN A 88 15.84 -13.81 2.28
C ASN A 88 17.16 -13.61 3.03
N ILE A 89 18.04 -12.75 2.51
CA ILE A 89 19.33 -12.53 3.14
C ILE A 89 19.56 -11.10 3.64
N LYS A 90 20.05 -10.97 4.87
CA LYS A 90 20.34 -9.67 5.47
C LYS A 90 21.41 -8.90 4.69
N GLY A 91 21.13 -7.64 4.35
CA GLY A 91 22.10 -6.86 3.61
C GLY A 91 22.99 -5.99 4.48
N ALA A 92 23.81 -5.16 3.84
CA ALA A 92 24.73 -4.24 4.51
C ALA A 92 24.52 -2.95 3.73
N HIS A 93 23.44 -2.23 4.05
CA HIS A 93 23.11 -0.98 3.37
C HIS A 93 22.75 0.21 4.28
N ALA A 94 22.15 -0.10 5.43
CA ALA A 94 21.51 0.89 6.30
C ALA A 94 21.99 0.91 7.74
N GLY A 95 23.13 0.28 8.02
CA GLY A 95 23.62 0.28 9.38
C GLY A 95 23.18 -0.96 10.13
N PRO A 96 23.72 -1.21 11.33
CA PRO A 96 23.39 -2.36 12.15
C PRO A 96 21.99 -2.36 12.77
N THR A 97 21.36 -1.19 12.83
CA THR A 97 20.01 -1.12 13.39
C THR A 97 19.07 -1.62 12.29
N TRP A 98 19.11 -0.94 11.15
CA TRP A 98 18.25 -1.25 10.03
C TRP A 98 18.57 -2.44 9.13
N ASN A 99 19.84 -2.81 8.93
CA ASN A 99 20.15 -3.95 8.07
C ASN A 99 19.40 -5.23 8.44
N PRO A 100 19.25 -5.50 9.75
CA PRO A 100 18.55 -6.71 10.20
C PRO A 100 17.01 -6.79 10.04
N ILE A 101 16.36 -5.66 9.81
CA ILE A 101 14.90 -5.63 9.67
C ILE A 101 14.42 -4.98 8.38
N SER A 102 15.27 -4.89 7.36
CA SER A 102 14.83 -4.25 6.13
C SER A 102 15.40 -4.82 4.85
N ILE A 103 14.82 -4.40 3.73
CA ILE A 103 15.28 -4.80 2.43
C ILE A 103 15.88 -3.53 1.88
N GLY A 104 17.09 -3.61 1.36
CA GLY A 104 17.68 -2.41 0.82
C GLY A 104 17.81 -2.43 -0.68
N ILE A 105 17.18 -1.46 -1.35
CA ILE A 105 17.32 -1.40 -2.79
C ILE A 105 18.06 -0.12 -3.09
N SER A 106 18.93 -0.18 -4.09
CA SER A 106 19.73 0.97 -4.48
C SER A 106 19.72 1.21 -5.99
N PHE A 107 19.56 2.48 -6.36
CA PHE A 107 19.55 2.87 -7.77
C PHE A 107 21.02 3.15 -8.14
N MET A 108 21.49 2.53 -9.21
CA MET A 108 22.87 2.70 -9.67
C MET A 108 23.07 4.06 -10.33
N GLY A 109 23.77 4.93 -9.61
CA GLY A 109 24.03 6.28 -10.10
C GLY A 109 23.91 7.30 -8.98
N ASN A 110 24.14 8.57 -9.29
CA ASN A 110 24.06 9.62 -8.28
C ASN A 110 22.87 10.51 -8.63
N TYR A 111 21.90 10.59 -7.72
CA TYR A 111 20.70 11.39 -7.98
C TYR A 111 20.56 12.63 -7.12
N MET A 112 21.65 13.40 -7.01
CA MET A 112 21.67 14.65 -6.26
C MET A 112 21.21 15.77 -7.18
N ASN A 113 21.73 15.78 -8.41
CA ASN A 113 21.37 16.78 -9.41
C ASN A 113 20.72 16.07 -10.57
N ARG A 114 20.18 14.88 -10.32
CA ARG A 114 19.61 14.15 -11.43
C ARG A 114 18.54 13.15 -11.02
N VAL A 115 17.51 13.02 -11.85
CA VAL A 115 16.44 12.08 -11.53
C VAL A 115 16.62 10.86 -12.38
N PRO A 116 16.21 9.72 -11.85
CA PRO A 116 16.34 8.50 -12.65
C PRO A 116 15.11 8.47 -13.57
N PRO A 117 15.21 7.77 -14.71
CA PRO A 117 14.11 7.69 -15.67
C PRO A 117 12.92 6.88 -15.17
N PRO A 118 11.72 7.14 -15.73
CA PRO A 118 10.50 6.43 -15.32
C PRO A 118 10.61 4.91 -15.24
N ARG A 119 11.34 4.29 -16.17
CA ARG A 119 11.48 2.83 -16.15
C ARG A 119 12.22 2.30 -14.94
N ALA A 120 13.18 3.06 -14.43
CA ALA A 120 13.91 2.63 -13.25
C ALA A 120 12.92 2.71 -12.08
N LEU A 121 12.26 3.86 -11.99
CA LEU A 121 11.28 4.09 -10.94
C LEU A 121 10.23 2.98 -10.97
N ARG A 122 9.75 2.62 -12.17
CA ARG A 122 8.76 1.55 -12.31
C ARG A 122 9.34 0.19 -11.93
N ALA A 123 10.60 -0.04 -12.29
CA ALA A 123 11.25 -1.31 -11.95
C ALA A 123 11.25 -1.49 -10.42
N ALA A 124 11.60 -0.43 -9.71
CA ALA A 124 11.65 -0.45 -8.26
C ALA A 124 10.28 -0.72 -7.64
N GLN A 125 9.30 0.12 -7.95
CA GLN A 125 7.94 -0.02 -7.41
C GLN A 125 7.40 -1.43 -7.65
N ASN A 126 7.69 -1.95 -8.83
CA ASN A 126 7.25 -3.27 -9.25
C ASN A 126 7.88 -4.40 -8.40
N LEU A 127 9.18 -4.28 -8.15
CA LEU A 127 9.90 -5.25 -7.33
C LEU A 127 9.22 -5.34 -5.97
N LEU A 128 8.94 -4.17 -5.40
CA LEU A 128 8.29 -4.10 -4.10
C LEU A 128 6.92 -4.79 -4.12
N ALA A 129 6.12 -4.53 -5.15
CA ALA A 129 4.81 -5.16 -5.23
C ALA A 129 5.02 -6.66 -5.25
N CYS A 130 6.07 -7.07 -5.96
CA CYS A 130 6.41 -8.48 -6.07
C CYS A 130 6.89 -9.03 -4.73
N GLY A 131 7.56 -8.19 -3.95
CA GLY A 131 8.01 -8.63 -2.64
C GLY A 131 6.80 -8.92 -1.78
N VAL A 132 5.81 -8.03 -1.83
CA VAL A 132 4.61 -8.24 -1.04
C VAL A 132 3.92 -9.53 -1.52
N ALA A 133 3.76 -9.67 -2.83
CA ALA A 133 3.12 -10.85 -3.37
C ALA A 133 3.81 -12.16 -2.96
N LEU A 134 5.14 -12.16 -2.96
CA LEU A 134 5.90 -13.36 -2.60
C LEU A 134 5.94 -13.68 -1.10
N GLY A 135 5.46 -12.76 -0.29
CA GLY A 135 5.44 -12.99 1.15
C GLY A 135 6.70 -12.48 1.82
N ALA A 136 7.63 -11.99 1.01
CA ALA A 136 8.90 -11.48 1.50
C ALA A 136 8.71 -10.13 2.21
N LEU A 137 7.70 -9.38 1.79
CA LEU A 137 7.41 -8.07 2.40
C LEU A 137 6.02 -8.03 3.01
N ARG A 138 5.84 -7.15 4.00
CA ARG A 138 4.54 -6.98 4.65
C ARG A 138 3.66 -6.17 3.71
N SER A 139 2.37 -6.50 3.65
CA SER A 139 1.48 -5.79 2.77
C SER A 139 1.49 -4.30 3.14
N ASN A 140 1.76 -4.01 4.41
CA ASN A 140 1.82 -2.64 4.87
C ASN A 140 3.27 -2.27 5.13
N TYR A 141 4.14 -2.70 4.22
CA TYR A 141 5.55 -2.40 4.33
C TYR A 141 5.72 -0.88 4.27
N GLU A 142 6.89 -0.40 4.66
CA GLU A 142 7.15 1.03 4.64
C GLU A 142 8.45 1.30 3.89
N VAL A 143 8.48 2.40 3.15
CA VAL A 143 9.66 2.78 2.40
C VAL A 143 10.35 3.97 3.06
N LYS A 144 11.66 3.90 3.20
CA LYS A 144 12.42 4.99 3.80
C LYS A 144 13.57 5.36 2.91
N GLY A 145 13.92 6.65 2.94
CA GLY A 145 15.08 7.11 2.18
C GLY A 145 16.23 6.69 3.08
N HIS A 146 17.38 6.39 2.50
CA HIS A 146 18.56 5.98 3.27
C HIS A 146 18.88 7.06 4.31
N ARG A 147 18.81 8.31 3.86
CA ARG A 147 19.07 9.46 4.69
C ARG A 147 18.08 9.62 5.84
N ASP A 148 17.01 8.83 5.83
CA ASP A 148 16.03 8.90 6.92
C ASP A 148 16.51 8.05 8.08
N VAL A 149 17.35 7.06 7.79
CA VAL A 149 17.82 6.16 8.83
C VAL A 149 19.34 6.23 9.10
N GLN A 150 20.05 7.07 8.35
CA GLN A 150 21.50 7.27 8.51
C GLN A 150 21.81 8.71 8.12
N PRO A 151 23.01 9.23 8.45
CA PRO A 151 23.32 10.62 8.10
C PRO A 151 23.69 10.99 6.64
N THR A 152 23.65 10.01 5.74
CA THR A 152 24.00 10.21 4.34
C THR A 152 23.12 11.14 3.49
N LEU A 153 23.55 11.33 2.25
CA LEU A 153 22.83 12.15 1.29
C LEU A 153 22.04 11.17 0.43
N SER A 154 22.47 9.91 0.46
CA SER A 154 21.81 8.83 -0.27
C SER A 154 20.34 9.05 0.14
N PRO A 155 19.39 8.78 -0.76
CA PRO A 155 19.50 8.32 -2.14
C PRO A 155 19.62 9.43 -3.16
N GLY A 156 20.08 10.60 -2.71
CA GLY A 156 20.22 11.71 -3.62
C GLY A 156 19.03 12.62 -3.47
N ASP A 157 19.28 13.92 -3.52
CA ASP A 157 18.23 14.91 -3.39
C ASP A 157 17.04 14.70 -4.33
N ARG A 158 17.31 14.56 -5.63
CA ARG A 158 16.25 14.37 -6.62
C ARG A 158 15.44 13.11 -6.41
N LEU A 159 16.14 12.01 -6.17
CA LEU A 159 15.47 10.73 -5.96
C LEU A 159 14.73 10.70 -4.62
N TYR A 160 15.29 11.36 -3.62
CA TYR A 160 14.66 11.41 -2.31
C TYR A 160 13.30 12.07 -2.46
N GLU A 161 13.29 13.24 -3.10
CA GLU A 161 12.06 13.98 -3.31
C GLU A 161 10.98 13.09 -3.93
N ILE A 162 11.37 12.30 -4.93
CA ILE A 162 10.45 11.42 -5.63
C ILE A 162 9.87 10.31 -4.78
N ILE A 163 10.73 9.57 -4.08
CA ILE A 163 10.22 8.48 -3.27
C ILE A 163 9.29 8.96 -2.15
N GLN A 164 9.34 10.24 -1.82
CA GLN A 164 8.46 10.75 -0.77
C GLN A 164 7.02 10.77 -1.26
N THR A 165 6.84 10.63 -2.57
CA THR A 165 5.51 10.62 -3.14
C THR A 165 4.90 9.22 -3.17
N TRP A 166 5.71 8.21 -2.87
CA TRP A 166 5.23 6.82 -2.88
C TRP A 166 4.26 6.62 -1.72
N SER A 167 3.20 5.86 -1.97
CA SER A 167 2.17 5.57 -0.98
C SER A 167 2.65 4.88 0.31
N HIS A 168 3.75 4.14 0.21
CA HIS A 168 4.29 3.44 1.36
C HIS A 168 5.44 4.16 2.07
N TYR A 169 5.77 5.35 1.57
CA TYR A 169 6.83 6.13 2.18
C TYR A 169 6.38 6.67 3.54
N ARG A 170 7.21 6.50 4.56
CA ARG A 170 6.91 6.98 5.93
C ARG A 170 8.21 7.57 6.50
N ALA A 171 8.26 8.89 6.66
CA ALA A 171 9.46 9.53 7.19
C ALA A 171 9.65 9.21 8.68
N GLU B 1 -1.89 10.87 -15.73
CA GLU B 1 -1.44 9.68 -15.01
C GLU B 1 -1.74 8.39 -15.80
N ASP B 2 -2.69 7.61 -15.29
CA ASP B 2 -3.21 6.37 -15.86
C ASP B 2 -2.58 5.12 -15.24
N PRO B 3 -1.33 5.33 -14.61
CA PRO B 3 -0.69 4.08 -14.19
C PRO B 3 -0.26 4.00 -12.71
N PRO B 4 -0.64 2.85 -12.00
CA PRO B 4 0.06 2.69 -10.73
C PRO B 4 1.03 1.55 -10.97
N ALA B 5 0.82 0.96 -12.14
CA ALA B 5 1.82 0.12 -12.84
C ALA B 5 1.50 -1.23 -13.58
N CYS B 6 1.96 -2.29 -12.92
CA CYS B 6 2.39 -3.58 -13.32
C CYS B 6 3.82 -4.00 -13.83
N GLY B 7 3.73 -5.00 -14.71
CA GLY B 7 4.91 -5.62 -15.29
C GLY B 7 6.03 -4.80 -15.86
N SER B 8 6.29 -3.62 -15.32
CA SER B 8 7.33 -2.76 -15.84
C SER B 8 7.15 -2.56 -17.35
N ILE B 9 5.91 -2.33 -17.77
CA ILE B 9 5.62 -2.12 -19.17
C ILE B 9 5.89 -0.66 -19.53
N VAL B 10 6.60 -0.43 -20.62
CA VAL B 10 6.86 0.93 -21.09
C VAL B 10 5.53 1.36 -21.69
N PRO B 11 4.94 2.45 -21.19
CA PRO B 11 3.67 2.86 -21.78
C PRO B 11 3.79 3.55 -23.14
N ARG B 12 2.68 3.55 -23.87
CA ARG B 12 2.61 4.15 -25.19
C ARG B 12 3.31 5.48 -25.30
N ARG B 13 2.98 6.40 -24.41
CA ARG B 13 3.57 7.73 -24.43
C ARG B 13 5.07 7.72 -24.26
N GLU B 14 5.58 6.80 -23.43
CA GLU B 14 7.01 6.74 -23.23
C GLU B 14 7.73 6.34 -24.53
N TRP B 15 7.10 5.50 -25.35
CA TRP B 15 7.77 5.18 -26.61
C TRP B 15 7.29 6.07 -27.76
N ARG B 16 6.60 7.14 -27.38
CA ARG B 16 6.08 8.12 -28.33
C ARG B 16 5.17 7.52 -29.40
N ALA B 17 4.22 6.70 -28.95
CA ALA B 17 3.29 6.05 -29.86
C ALA B 17 2.21 7.00 -30.35
N LEU B 18 1.84 6.84 -31.62
CA LEU B 18 0.79 7.67 -32.19
C LEU B 18 -0.44 7.22 -31.39
N ALA B 19 -1.43 8.09 -31.25
CA ALA B 19 -2.61 7.71 -30.50
C ALA B 19 -3.38 6.61 -31.24
N SER B 20 -3.99 5.71 -30.50
CA SER B 20 -4.74 4.62 -31.13
C SER B 20 -6.18 5.02 -31.46
N GLU B 21 -6.74 4.43 -32.52
CA GLU B 21 -8.10 4.73 -32.93
C GLU B 21 -8.91 3.43 -32.89
N CYS B 22 -8.33 2.40 -32.30
CA CYS B 22 -9.00 1.09 -32.21
C CYS B 22 -10.10 1.13 -31.18
N ARG B 23 -11.18 0.39 -31.42
CA ARG B 23 -12.30 0.37 -30.50
C ARG B 23 -12.88 -0.99 -30.16
N GLU B 24 -12.51 -2.03 -30.89
CA GLU B 24 -13.03 -3.37 -30.58
C GLU B 24 -12.36 -3.89 -29.32
N ARG B 25 -13.16 -4.32 -28.35
CA ARG B 25 -12.64 -4.84 -27.09
C ARG B 25 -12.64 -6.35 -26.97
N LEU B 26 -11.62 -6.86 -26.27
CA LEU B 26 -11.49 -8.30 -26.05
C LEU B 26 -12.26 -8.60 -24.77
N THR B 27 -12.92 -9.75 -24.68
CA THR B 27 -13.64 -10.06 -23.46
C THR B 27 -12.76 -10.93 -22.58
N ARG B 28 -12.33 -10.39 -21.45
CA ARG B 28 -11.49 -11.14 -20.52
C ARG B 28 -12.38 -12.06 -19.68
N PRO B 29 -11.80 -13.07 -19.04
CA PRO B 29 -10.36 -13.39 -19.06
C PRO B 29 -10.00 -14.08 -20.38
N VAL B 30 -9.00 -13.57 -21.07
CA VAL B 30 -8.59 -14.11 -22.37
C VAL B 30 -7.88 -15.48 -22.32
N ARG B 31 -8.38 -16.38 -23.18
CA ARG B 31 -7.94 -17.77 -23.32
C ARG B 31 -6.57 -18.06 -23.89
N TYR B 32 -6.21 -17.40 -24.98
CA TYR B 32 -4.94 -17.65 -25.66
C TYR B 32 -3.94 -16.49 -25.73
N VAL B 33 -2.68 -16.85 -25.96
CA VAL B 33 -1.62 -15.88 -26.13
C VAL B 33 -0.88 -16.41 -27.36
N VAL B 34 -0.69 -15.57 -28.36
CA VAL B 34 0.01 -15.96 -29.57
C VAL B 34 1.36 -15.27 -29.62
N VAL B 35 2.45 -16.03 -29.71
CA VAL B 35 3.78 -15.45 -29.75
C VAL B 35 4.29 -15.29 -31.19
N SER B 36 4.67 -14.08 -31.56
CA SER B 36 5.18 -13.82 -32.89
C SER B 36 6.49 -13.02 -32.78
N HIS B 37 7.18 -12.86 -33.89
CA HIS B 37 8.35 -12.04 -33.91
C HIS B 37 7.96 -11.02 -34.96
N THR B 38 8.50 -9.82 -34.90
CA THR B 38 8.14 -8.78 -35.87
C THR B 38 8.71 -9.07 -37.22
N ALA B 39 9.90 -9.67 -37.23
CA ALA B 39 10.61 -9.99 -38.47
C ALA B 39 11.21 -8.68 -38.92
N GLY B 40 11.33 -7.76 -37.96
CA GLY B 40 11.91 -6.47 -38.21
C GLY B 40 13.32 -6.48 -37.62
N SER B 41 13.92 -5.31 -37.45
CA SER B 41 15.26 -5.24 -36.87
C SER B 41 15.12 -5.55 -35.39
N HIS B 42 16.23 -5.89 -34.74
CA HIS B 42 16.14 -6.10 -33.31
C HIS B 42 16.81 -4.87 -32.69
N CYS B 43 16.74 -4.77 -31.37
CA CYS B 43 17.33 -3.65 -30.64
C CYS B 43 17.62 -4.20 -29.26
N ASP B 44 18.63 -3.67 -28.58
CA ASP B 44 18.91 -4.18 -27.26
C ASP B 44 19.03 -3.10 -26.18
N THR B 45 18.57 -1.90 -26.47
CA THR B 45 18.61 -0.82 -25.49
C THR B 45 17.27 -0.07 -25.51
N PRO B 46 16.90 0.53 -24.37
CA PRO B 46 15.64 1.27 -24.27
C PRO B 46 15.46 2.29 -25.37
N ALA B 47 16.54 3.00 -25.72
CA ALA B 47 16.45 4.00 -26.77
C ALA B 47 16.16 3.32 -28.11
N SER B 48 17.00 2.36 -28.50
CA SER B 48 16.81 1.68 -29.79
C SER B 48 15.49 0.91 -29.88
N CYS B 49 15.03 0.37 -28.76
CA CYS B 49 13.80 -0.38 -28.77
C CYS B 49 12.57 0.51 -28.73
N ALA B 50 12.68 1.71 -28.17
CA ALA B 50 11.55 2.61 -28.15
C ALA B 50 11.36 3.01 -29.61
N GLN B 51 12.47 3.29 -30.28
CA GLN B 51 12.45 3.67 -31.67
C GLN B 51 11.91 2.56 -32.55
N GLN B 52 12.23 1.32 -32.21
CA GLN B 52 11.79 0.17 -32.99
C GLN B 52 10.28 -0.11 -32.86
N ALA B 53 9.69 0.24 -31.74
CA ALA B 53 8.25 0.05 -31.55
C ALA B 53 7.53 1.10 -32.37
N GLN B 54 8.11 2.30 -32.39
CA GLN B 54 7.60 3.42 -33.14
C GLN B 54 7.62 3.05 -34.62
N ASN B 55 8.74 2.44 -35.04
CA ASN B 55 8.92 2.03 -36.43
C ASN B 55 7.92 0.97 -36.83
N VAL B 56 7.61 0.05 -35.94
CA VAL B 56 6.65 -1.00 -36.26
C VAL B 56 5.25 -0.43 -36.33
N GLN B 57 4.90 0.41 -35.35
CA GLN B 57 3.57 1.04 -35.34
C GLN B 57 3.41 1.90 -36.56
N SER B 58 4.46 2.65 -36.91
CA SER B 58 4.41 3.52 -38.06
C SER B 58 3.97 2.74 -39.29
N TYR B 59 4.64 1.61 -39.54
CA TYR B 59 4.33 0.78 -40.69
C TYR B 59 2.88 0.31 -40.67
N HIS B 60 2.43 -0.19 -39.52
CA HIS B 60 1.07 -0.69 -39.40
C HIS B 60 0.02 0.39 -39.64
N VAL B 61 0.24 1.56 -39.06
CA VAL B 61 -0.68 2.68 -39.16
C VAL B 61 -0.63 3.49 -40.46
N ARG B 62 0.53 4.02 -40.81
CA ARG B 62 0.65 4.84 -42.01
C ARG B 62 0.57 4.02 -43.29
N ASN B 63 1.17 2.85 -43.31
CA ASN B 63 1.15 2.06 -44.54
C ASN B 63 0.05 1.01 -44.70
N LEU B 64 -0.28 0.29 -43.64
CA LEU B 64 -1.34 -0.71 -43.76
C LEU B 64 -2.70 -0.12 -43.35
N GLY B 65 -2.67 1.12 -42.87
CA GLY B 65 -3.90 1.80 -42.46
C GLY B 65 -4.64 1.22 -41.28
N TRP B 66 -3.91 0.58 -40.36
CA TRP B 66 -4.51 0.00 -39.16
C TRP B 66 -4.75 1.06 -38.09
N CYS B 67 -5.71 0.82 -37.21
CA CYS B 67 -6.03 1.76 -36.14
C CYS B 67 -4.92 1.95 -35.11
N ASP B 68 -3.97 1.02 -35.08
CA ASP B 68 -2.85 1.09 -34.15
C ASP B 68 -1.94 -0.10 -34.43
N VAL B 69 -0.76 -0.12 -33.80
CA VAL B 69 0.15 -1.25 -33.98
C VAL B 69 -0.70 -2.51 -33.70
N GLY B 70 -0.53 -3.57 -34.48
CA GLY B 70 -1.33 -4.77 -34.32
C GLY B 70 -1.14 -5.65 -33.10
N TYR B 71 0.02 -5.57 -32.45
CA TYR B 71 0.30 -6.40 -31.28
C TYR B 71 -0.15 -5.75 -29.99
N ASN B 72 -0.63 -6.58 -29.07
CA ASN B 72 -1.09 -6.07 -27.78
C ASN B 72 0.15 -5.64 -26.96
N PHE B 73 1.27 -6.33 -27.19
CA PHE B 73 2.53 -6.02 -26.50
C PHE B 73 3.74 -6.40 -27.35
N LEU B 74 4.80 -5.63 -27.25
CA LEU B 74 6.03 -5.92 -27.98
C LEU B 74 7.13 -6.19 -26.95
N ILE B 75 8.05 -7.10 -27.28
CA ILE B 75 9.15 -7.45 -26.39
C ILE B 75 10.51 -7.11 -26.95
N GLY B 76 11.22 -6.21 -26.28
CA GLY B 76 12.53 -5.84 -26.76
C GLY B 76 13.63 -6.68 -26.16
N GLU B 77 14.73 -6.81 -26.88
CA GLU B 77 15.86 -7.57 -26.38
C GLU B 77 16.53 -6.78 -25.24
N ASP B 78 15.98 -5.61 -24.93
CA ASP B 78 16.51 -4.78 -23.86
C ASP B 78 15.92 -5.29 -22.56
N GLY B 79 15.07 -6.31 -22.68
CA GLY B 79 14.46 -6.90 -21.50
C GLY B 79 13.18 -6.21 -21.08
N LEU B 80 12.66 -5.32 -21.92
CA LEU B 80 11.44 -4.60 -21.58
C LEU B 80 10.24 -4.97 -22.45
N VAL B 81 9.05 -4.70 -21.91
CA VAL B 81 7.79 -4.93 -22.61
C VAL B 81 7.26 -3.56 -22.96
N TYR B 82 6.84 -3.42 -24.22
CA TYR B 82 6.31 -2.15 -24.73
C TYR B 82 4.83 -2.27 -24.89
N GLU B 83 4.10 -1.29 -24.37
CA GLU B 83 2.66 -1.32 -24.49
C GLU B 83 2.19 -1.08 -25.91
N GLY B 84 1.42 -2.04 -26.42
CA GLY B 84 0.85 -1.94 -27.74
C GLY B 84 -0.60 -1.63 -27.55
N ARG B 85 -1.48 -2.49 -28.06
CA ARG B 85 -2.92 -2.29 -27.90
C ARG B 85 -3.40 -2.61 -26.50
N GLY B 86 -2.60 -3.32 -25.72
CA GLY B 86 -2.97 -3.63 -24.35
C GLY B 86 -3.77 -4.88 -24.08
N TRP B 87 -4.31 -4.97 -22.86
CA TRP B 87 -5.11 -6.09 -22.40
C TRP B 87 -6.56 -6.05 -22.85
N ASN B 88 -7.10 -4.85 -23.02
CA ASN B 88 -8.51 -4.66 -23.37
C ASN B 88 -8.90 -4.48 -24.85
N ILE B 89 -7.95 -4.15 -25.70
CA ILE B 89 -8.26 -3.94 -27.12
C ILE B 89 -7.82 -5.09 -28.01
N LYS B 90 -8.74 -5.59 -28.84
CA LYS B 90 -8.45 -6.69 -29.75
C LYS B 90 -7.30 -6.30 -30.67
N GLY B 91 -6.39 -7.25 -30.93
CA GLY B 91 -5.24 -6.98 -31.79
C GLY B 91 -5.35 -7.45 -33.22
N ALA B 92 -4.29 -7.24 -33.98
CA ALA B 92 -4.23 -7.65 -35.39
C ALA B 92 -2.87 -8.29 -35.54
N HIS B 93 -2.79 -9.55 -35.09
CA HIS B 93 -1.56 -10.34 -35.16
C HIS B 93 -1.69 -11.75 -35.76
N ALA B 94 -2.85 -12.38 -35.59
CA ALA B 94 -2.98 -13.80 -35.86
C ALA B 94 -4.16 -14.16 -36.75
N GLY B 95 -4.73 -13.16 -37.41
CA GLY B 95 -5.88 -13.43 -38.26
C GLY B 95 -7.21 -13.20 -37.57
N PRO B 96 -8.31 -13.28 -38.34
CA PRO B 96 -9.68 -13.06 -37.84
C PRO B 96 -10.15 -14.15 -36.88
N THR B 97 -9.51 -15.31 -37.00
CA THR B 97 -9.82 -16.46 -36.15
C THR B 97 -9.32 -16.21 -34.72
N TRP B 98 -8.03 -15.95 -34.63
CA TRP B 98 -7.37 -15.74 -33.36
C TRP B 98 -7.30 -14.36 -32.74
N ASN B 99 -7.38 -13.31 -33.55
CA ASN B 99 -7.32 -11.94 -33.01
C ASN B 99 -8.33 -11.60 -31.90
N PRO B 100 -9.55 -12.14 -31.97
CA PRO B 100 -10.53 -11.82 -30.92
C PRO B 100 -10.53 -12.74 -29.68
N ILE B 101 -9.77 -13.83 -29.73
CA ILE B 101 -9.72 -14.73 -28.60
C ILE B 101 -8.30 -14.97 -28.10
N SER B 102 -7.48 -13.93 -28.13
CA SER B 102 -6.11 -14.06 -27.67
C SER B 102 -5.48 -12.69 -27.50
N ILE B 103 -4.29 -12.71 -26.92
CA ILE B 103 -3.52 -11.50 -26.70
C ILE B 103 -2.28 -11.79 -27.54
N GLY B 104 -1.86 -10.83 -28.36
CA GLY B 104 -0.68 -11.07 -29.18
C GLY B 104 0.54 -10.34 -28.69
N ILE B 105 1.63 -11.07 -28.47
CA ILE B 105 2.88 -10.45 -28.02
C ILE B 105 3.91 -10.77 -29.08
N SER B 106 4.70 -9.77 -29.47
CA SER B 106 5.69 -9.96 -30.50
C SER B 106 7.11 -9.62 -30.08
N PHE B 107 8.06 -10.52 -30.36
CA PHE B 107 9.47 -10.28 -30.04
C PHE B 107 10.03 -9.47 -31.20
N MET B 108 10.57 -8.29 -30.89
CA MET B 108 11.10 -7.43 -31.93
C MET B 108 12.42 -7.89 -32.52
N GLY B 109 12.32 -8.51 -33.70
CA GLY B 109 13.50 -9.01 -34.39
C GLY B 109 13.18 -10.27 -35.17
N ASN B 110 14.20 -10.82 -35.81
CA ASN B 110 14.00 -12.05 -36.58
C ASN B 110 14.71 -13.17 -35.84
N TYR B 111 13.94 -14.14 -35.36
CA TYR B 111 14.53 -15.22 -34.59
C TYR B 111 14.63 -16.56 -35.28
N MET B 112 14.88 -16.54 -36.58
CA MET B 112 15.04 -17.78 -37.33
C MET B 112 16.42 -18.31 -37.00
N ASN B 113 17.43 -17.46 -37.11
CA ASN B 113 18.81 -17.85 -36.86
C ASN B 113 19.38 -17.15 -35.65
N ARG B 114 18.51 -16.43 -34.94
CA ARG B 114 18.89 -15.72 -33.74
C ARG B 114 18.05 -16.20 -32.57
N VAL B 115 18.60 -16.04 -31.37
CA VAL B 115 17.89 -16.43 -30.18
C VAL B 115 17.69 -15.17 -29.33
N PRO B 116 16.50 -15.00 -28.76
CA PRO B 116 16.27 -13.80 -27.94
C PRO B 116 16.91 -14.01 -26.58
N PRO B 117 17.48 -12.94 -26.00
CA PRO B 117 18.12 -13.06 -24.68
C PRO B 117 17.20 -13.53 -23.57
N PRO B 118 17.77 -14.14 -22.51
CA PRO B 118 16.97 -14.63 -21.40
C PRO B 118 16.07 -13.57 -20.79
N ARG B 119 16.55 -12.33 -20.77
CA ARG B 119 15.78 -11.23 -20.20
C ARG B 119 14.57 -10.91 -21.04
N ALA B 120 14.68 -11.07 -22.35
CA ALA B 120 13.52 -10.81 -23.20
C ALA B 120 12.52 -11.88 -22.84
N LEU B 121 12.98 -13.13 -22.76
CA LEU B 121 12.08 -14.22 -22.41
C LEU B 121 11.49 -13.97 -21.01
N ARG B 122 12.29 -13.44 -20.08
CA ARG B 122 11.79 -13.17 -18.74
C ARG B 122 10.66 -12.15 -18.74
N ALA B 123 10.87 -11.04 -19.44
CA ALA B 123 9.86 -10.00 -19.54
C ALA B 123 8.55 -10.58 -20.06
N ALA B 124 8.64 -11.60 -20.92
CA ALA B 124 7.45 -12.20 -21.50
C ALA B 124 6.56 -12.97 -20.53
N GLN B 125 7.14 -13.89 -19.75
CA GLN B 125 6.34 -14.65 -18.79
C GLN B 125 5.96 -13.70 -17.65
N ASN B 126 6.84 -12.77 -17.34
CA ASN B 126 6.58 -11.78 -16.30
C ASN B 126 5.34 -11.02 -16.78
N LEU B 127 5.29 -10.74 -18.08
CA LEU B 127 4.16 -10.04 -18.68
C LEU B 127 2.90 -10.88 -18.55
N LEU B 128 3.02 -12.16 -18.88
CA LEU B 128 1.88 -13.07 -18.80
C LEU B 128 1.34 -13.28 -17.39
N ALA B 129 2.17 -13.13 -16.36
CA ALA B 129 1.71 -13.30 -14.99
C ALA B 129 0.89 -12.09 -14.62
N CYS B 130 1.47 -10.93 -14.92
CA CYS B 130 0.85 -9.64 -14.67
C CYS B 130 -0.54 -9.72 -15.30
N GLY B 131 -0.59 -10.43 -16.43
CA GLY B 131 -1.85 -10.61 -17.13
C GLY B 131 -2.83 -11.29 -16.20
N VAL B 132 -2.52 -12.53 -15.82
CA VAL B 132 -3.39 -13.27 -14.93
C VAL B 132 -3.74 -12.48 -13.68
N ALA B 133 -2.73 -11.84 -13.09
CA ALA B 133 -2.92 -11.06 -11.87
C ALA B 133 -4.03 -10.01 -12.01
N LEU B 134 -4.26 -9.54 -13.23
CA LEU B 134 -5.30 -8.52 -13.46
C LEU B 134 -6.60 -9.15 -13.97
N GLY B 135 -6.52 -10.41 -14.36
CA GLY B 135 -7.70 -11.08 -14.89
C GLY B 135 -7.77 -10.81 -16.39
N ALA B 136 -6.68 -10.27 -16.92
CA ALA B 136 -6.62 -9.99 -18.35
C ALA B 136 -6.48 -11.35 -19.03
N LEU B 137 -5.68 -12.22 -18.41
CA LEU B 137 -5.46 -13.55 -18.93
C LEU B 137 -6.15 -14.62 -18.08
N ARG B 138 -6.35 -15.78 -18.70
CA ARG B 138 -6.99 -16.94 -18.06
C ARG B 138 -5.96 -17.64 -17.17
N SER B 139 -6.28 -17.77 -15.88
CA SER B 139 -5.37 -18.43 -14.94
C SER B 139 -4.57 -19.57 -15.57
N ASN B 140 -5.26 -20.38 -16.37
CA ASN B 140 -4.68 -21.54 -17.06
C ASN B 140 -4.46 -21.30 -18.56
N TYR B 141 -4.26 -20.04 -18.93
CA TYR B 141 -4.07 -19.67 -20.34
C TYR B 141 -3.13 -20.56 -21.15
N GLU B 142 -3.29 -20.52 -22.48
CA GLU B 142 -2.46 -21.31 -23.39
C GLU B 142 -1.66 -20.42 -24.33
N VAL B 143 -0.41 -20.79 -24.55
CA VAL B 143 0.49 -20.08 -25.43
C VAL B 143 0.63 -20.86 -26.74
N LYS B 144 0.43 -20.17 -27.86
CA LYS B 144 0.56 -20.77 -29.18
C LYS B 144 1.54 -19.88 -29.91
N GLY B 145 2.30 -20.46 -30.83
CA GLY B 145 3.24 -19.65 -31.59
C GLY B 145 2.55 -19.25 -32.88
N HIS B 146 2.87 -18.07 -33.40
CA HIS B 146 2.27 -17.57 -34.64
C HIS B 146 2.03 -18.69 -35.65
N ARG B 147 3.08 -19.45 -35.95
CA ARG B 147 3.01 -20.53 -36.92
C ARG B 147 2.08 -21.68 -36.55
N ASP B 148 1.57 -21.68 -35.32
CA ASP B 148 0.65 -22.75 -34.90
C ASP B 148 -0.78 -22.40 -35.32
N VAL B 149 -0.97 -21.15 -35.71
CA VAL B 149 -2.29 -20.67 -36.08
C VAL B 149 -2.38 -20.02 -37.46
N GLN B 150 -1.23 -19.71 -38.07
CA GLN B 150 -1.24 -19.11 -39.41
C GLN B 150 -0.07 -19.56 -40.25
N PRO B 151 -0.23 -19.53 -41.58
CA PRO B 151 0.89 -19.97 -42.44
C PRO B 151 2.06 -19.01 -42.40
N THR B 152 2.83 -19.07 -41.32
CA THR B 152 3.96 -18.18 -41.20
C THR B 152 5.14 -18.84 -40.49
N LEU B 153 6.34 -18.29 -40.73
CA LEU B 153 7.56 -18.82 -40.11
C LEU B 153 7.70 -18.18 -38.73
N SER B 154 6.94 -17.12 -38.52
CA SER B 154 6.93 -16.42 -37.25
C SER B 154 6.55 -17.51 -36.23
N PRO B 155 7.13 -17.47 -35.02
CA PRO B 155 8.10 -16.49 -34.50
C PRO B 155 9.59 -16.80 -34.73
N GLY B 156 9.89 -17.57 -35.76
CA GLY B 156 11.27 -17.93 -36.00
C GLY B 156 11.52 -19.32 -35.45
N ASP B 157 12.44 -20.05 -36.06
CA ASP B 157 12.79 -21.41 -35.65
C ASP B 157 13.34 -21.45 -34.25
N ARG B 158 14.37 -20.63 -34.02
CA ARG B 158 15.08 -20.55 -32.76
C ARG B 158 14.21 -20.13 -31.57
N LEU B 159 13.32 -19.17 -31.77
CA LEU B 159 12.43 -18.71 -30.68
C LEU B 159 11.29 -19.70 -30.48
N TYR B 160 10.82 -20.26 -31.58
CA TYR B 160 9.72 -21.21 -31.53
C TYR B 160 10.04 -22.47 -30.75
N GLU B 161 11.28 -22.95 -30.82
CA GLU B 161 11.60 -24.16 -30.08
C GLU B 161 11.63 -23.88 -28.58
N ILE B 162 12.04 -22.67 -28.22
CA ILE B 162 12.08 -22.28 -26.82
C ILE B 162 10.67 -22.22 -26.24
N ILE B 163 9.77 -21.49 -26.91
CA ILE B 163 8.41 -21.37 -26.39
C ILE B 163 7.74 -22.73 -26.36
N GLN B 164 8.29 -23.68 -27.11
CA GLN B 164 7.71 -25.02 -27.12
C GLN B 164 7.94 -25.70 -25.76
N THR B 165 8.91 -25.19 -25.01
CA THR B 165 9.20 -25.77 -23.70
C THR B 165 8.55 -25.02 -22.55
N TRP B 166 7.82 -23.96 -22.87
CA TRP B 166 7.13 -23.19 -21.84
C TRP B 166 6.06 -24.10 -21.27
N SER B 167 5.71 -23.93 -20.00
CA SER B 167 4.71 -24.78 -19.36
C SER B 167 3.29 -24.54 -19.84
N HIS B 168 3.05 -23.43 -20.53
CA HIS B 168 1.71 -23.16 -21.01
C HIS B 168 1.57 -23.34 -22.53
N TYR B 169 2.66 -23.69 -23.20
CA TYR B 169 2.65 -23.87 -24.65
C TYR B 169 1.80 -25.04 -25.13
N ARG B 170 1.10 -24.83 -26.23
CA ARG B 170 0.24 -25.83 -26.84
C ARG B 170 0.33 -25.75 -28.35
N ALA B 171 -0.06 -26.83 -29.02
CA ALA B 171 -0.04 -26.87 -30.48
C ALA B 171 -1.45 -27.31 -30.85
N GLU C 1 20.17 18.00 38.03
CA GLU C 1 20.86 16.68 37.99
C GLU C 1 20.54 15.83 39.21
N ASP C 2 19.29 15.41 39.33
CA ASP C 2 18.86 14.55 40.45
C ASP C 2 17.85 13.56 39.90
N PRO C 3 18.00 12.27 40.27
CA PRO C 3 17.11 11.21 39.81
C PRO C 3 15.89 10.82 40.62
N PRO C 4 14.77 10.55 39.92
CA PRO C 4 13.58 10.13 40.65
C PRO C 4 13.53 8.67 40.18
N ALA C 5 12.50 7.92 40.54
CA ALA C 5 12.40 6.50 40.14
C ALA C 5 10.92 6.38 39.94
N CYS C 6 10.35 7.56 39.73
CA CYS C 6 8.96 7.82 39.52
C CYS C 6 8.10 6.72 38.93
N GLY C 7 8.72 5.79 38.19
CA GLY C 7 7.94 4.73 37.56
C GLY C 7 7.63 3.50 38.38
N SER C 8 6.35 3.14 38.37
CA SER C 8 5.83 1.97 39.04
C SER C 8 5.22 1.36 37.80
N ILE C 9 6.04 1.37 36.76
CA ILE C 9 5.69 0.88 35.46
C ILE C 9 6.11 -0.58 35.28
N VAL C 10 5.18 -1.39 34.80
CA VAL C 10 5.44 -2.80 34.55
C VAL C 10 6.19 -2.86 33.21
N PRO C 11 7.43 -3.42 33.20
CA PRO C 11 8.21 -3.51 31.97
C PRO C 11 7.55 -4.43 30.93
N ARG C 12 7.88 -4.20 29.66
CA ARG C 12 7.31 -5.01 28.59
C ARG C 12 7.57 -6.49 28.84
N ARG C 13 8.81 -6.83 29.16
CA ARG C 13 9.18 -8.22 29.39
C ARG C 13 8.27 -8.83 30.44
N GLU C 14 8.02 -8.07 31.50
CA GLU C 14 7.18 -8.54 32.58
C GLU C 14 5.76 -8.85 32.14
N TRP C 15 5.20 -8.10 31.19
CA TRP C 15 3.87 -8.50 30.77
C TRP C 15 3.99 -9.39 29.55
N ARG C 16 5.23 -9.79 29.28
CA ARG C 16 5.56 -10.67 28.18
C ARG C 16 5.02 -10.18 26.86
N ALA C 17 5.43 -8.97 26.48
CA ALA C 17 4.99 -8.39 25.22
C ALA C 17 5.77 -9.03 24.09
N LEU C 18 5.22 -8.97 22.88
CA LEU C 18 5.92 -9.51 21.73
C LEU C 18 6.91 -8.38 21.54
N ALA C 19 8.04 -8.65 20.90
CA ALA C 19 9.02 -7.60 20.70
C ALA C 19 8.54 -6.56 19.69
N SER C 20 8.88 -5.30 19.94
CA SER C 20 8.45 -4.22 19.07
C SER C 20 9.32 -3.98 17.85
N GLU C 21 8.65 -3.63 16.74
CA GLU C 21 9.34 -3.35 15.48
C GLU C 21 9.38 -1.84 15.18
N CYS C 22 8.84 -1.03 16.07
CA CYS C 22 8.80 0.42 15.84
C CYS C 22 10.16 1.11 15.98
N ARG C 23 10.37 2.17 15.21
CA ARG C 23 11.61 2.93 15.23
C ARG C 23 11.36 4.46 15.16
N GLU C 24 10.16 4.90 14.87
CA GLU C 24 9.97 6.35 14.83
C GLU C 24 9.99 6.95 16.25
N ARG C 25 10.81 7.98 16.46
CA ARG C 25 10.95 8.62 17.77
C ARG C 25 10.18 9.91 18.00
N LEU C 26 9.85 10.16 19.26
CA LEU C 26 9.16 11.37 19.65
C LEU C 26 10.31 12.25 20.13
N THR C 27 10.18 13.58 20.01
CA THR C 27 11.25 14.43 20.52
C THR C 27 10.76 14.90 21.87
N ARG C 28 11.60 14.84 22.89
CA ARG C 28 11.22 15.32 24.21
C ARG C 28 11.79 16.73 24.36
N PRO C 29 11.13 17.58 25.15
CA PRO C 29 9.92 17.25 25.89
C PRO C 29 8.64 17.34 25.04
N VAL C 30 7.80 16.33 25.19
CA VAL C 30 6.52 16.22 24.47
C VAL C 30 5.48 17.19 25.06
N ARG C 31 4.74 17.86 24.19
CA ARG C 31 3.74 18.82 24.64
C ARG C 31 2.36 18.25 24.98
N TYR C 32 1.96 17.18 24.31
CA TYR C 32 0.62 16.62 24.56
C TYR C 32 0.50 15.18 25.03
N VAL C 33 -0.58 14.94 25.78
CA VAL C 33 -0.94 13.63 26.27
C VAL C 33 -2.38 13.46 25.79
N VAL C 34 -2.66 12.34 25.12
CA VAL C 34 -4.01 12.05 24.64
C VAL C 34 -4.50 10.83 25.39
N VAL C 35 -5.63 10.97 26.06
CA VAL C 35 -6.20 9.88 26.84
C VAL C 35 -7.29 9.12 26.08
N SER C 36 -7.19 7.80 26.10
CA SER C 36 -8.15 6.93 25.43
C SER C 36 -8.46 5.69 26.28
N HIS C 37 -9.45 4.92 25.88
CA HIS C 37 -9.74 3.67 26.56
C HIS C 37 -9.66 2.66 25.43
N THR C 38 -9.55 1.40 25.76
CA THR C 38 -9.44 0.36 24.75
C THR C 38 -10.83 -0.09 24.32
N ALA C 39 -11.85 0.41 25.02
CA ALA C 39 -13.25 0.07 24.76
C ALA C 39 -13.42 -1.43 24.92
N GLY C 40 -12.38 -2.11 25.41
CA GLY C 40 -12.46 -3.54 25.60
C GLY C 40 -12.71 -3.97 27.03
N SER C 41 -12.19 -5.14 27.38
CA SER C 41 -12.37 -5.66 28.72
C SER C 41 -11.38 -5.08 29.71
N HIS C 42 -11.87 -4.78 30.91
CA HIS C 42 -11.00 -4.23 31.93
C HIS C 42 -10.40 -5.37 32.76
N CYS C 43 -9.58 -5.03 33.75
CA CYS C 43 -8.93 -6.02 34.60
C CYS C 43 -8.58 -5.46 35.96
N ASP C 44 -8.74 -6.27 37.01
CA ASP C 44 -8.48 -5.84 38.38
C ASP C 44 -7.24 -6.43 39.08
N THR C 45 -6.61 -7.45 38.49
CA THR C 45 -5.44 -8.07 39.10
C THR C 45 -4.22 -7.82 38.23
N PRO C 46 -3.01 -8.08 38.76
CA PRO C 46 -1.81 -7.87 37.95
C PRO C 46 -1.65 -8.99 36.91
N ALA C 47 -2.27 -10.13 37.16
CA ALA C 47 -2.16 -11.24 36.22
C ALA C 47 -3.16 -11.11 35.08
N SER C 48 -4.34 -10.58 35.39
CA SER C 48 -5.38 -10.41 34.37
C SER C 48 -5.04 -9.22 33.48
N CYS C 49 -4.34 -8.24 34.05
CA CYS C 49 -3.97 -7.05 33.29
C CYS C 49 -2.74 -7.29 32.42
N ALA C 50 -1.90 -8.23 32.84
CA ALA C 50 -0.71 -8.55 32.04
C ALA C 50 -1.23 -9.22 30.77
N GLN C 51 -2.18 -10.11 31.00
CA GLN C 51 -2.85 -10.87 29.95
C GLN C 51 -3.47 -9.93 28.94
N GLN C 52 -4.26 -9.00 29.45
CA GLN C 52 -4.98 -8.00 28.65
C GLN C 52 -4.04 -7.10 27.83
N ALA C 53 -2.86 -6.80 28.35
CA ALA C 53 -1.94 -5.97 27.59
C ALA C 53 -1.47 -6.82 26.41
N GLN C 54 -1.31 -8.12 26.64
CA GLN C 54 -0.90 -9.02 25.58
C GLN C 54 -1.98 -9.03 24.51
N ASN C 55 -3.24 -8.99 24.96
CA ASN C 55 -4.38 -8.99 24.05
C ASN C 55 -4.43 -7.73 23.23
N VAL C 56 -4.49 -6.59 23.91
CA VAL C 56 -4.54 -5.31 23.23
C VAL C 56 -3.41 -5.24 22.21
N GLN C 57 -2.24 -5.76 22.59
CA GLN C 57 -1.08 -5.77 21.68
C GLN C 57 -1.23 -6.76 20.53
N SER C 58 -1.77 -7.94 20.82
CA SER C 58 -1.98 -8.98 19.81
C SER C 58 -2.88 -8.44 18.71
N TYR C 59 -3.86 -7.64 19.11
CA TYR C 59 -4.80 -7.04 18.17
C TYR C 59 -4.05 -6.07 17.27
N HIS C 60 -3.23 -5.21 17.84
CA HIS C 60 -2.46 -4.23 17.07
C HIS C 60 -1.39 -4.84 16.18
N VAL C 61 -0.77 -5.93 16.63
CA VAL C 61 0.31 -6.57 15.89
C VAL C 61 -0.10 -7.66 14.90
N ARG C 62 -0.90 -8.63 15.34
CA ARG C 62 -1.36 -9.71 14.47
C ARG C 62 -2.53 -9.29 13.58
N ASN C 63 -3.53 -8.67 14.20
CA ASN C 63 -4.72 -8.20 13.49
C ASN C 63 -4.43 -7.06 12.51
N LEU C 64 -3.92 -5.94 13.02
CA LEU C 64 -3.66 -4.76 12.19
C LEU C 64 -2.26 -4.66 11.58
N GLY C 65 -1.38 -5.60 11.92
CA GLY C 65 -0.03 -5.61 11.38
C GLY C 65 0.87 -4.47 11.79
N TRP C 66 0.61 -3.88 12.95
CA TRP C 66 1.43 -2.78 13.45
C TRP C 66 2.77 -3.23 14.04
N CYS C 67 3.70 -2.30 14.16
CA CYS C 67 5.03 -2.59 14.70
C CYS C 67 5.00 -2.90 16.19
N ASP C 68 3.95 -2.44 16.87
CA ASP C 68 3.79 -2.69 18.29
C ASP C 68 2.43 -2.20 18.77
N VAL C 69 2.11 -2.42 20.05
CA VAL C 69 0.84 -1.93 20.58
C VAL C 69 0.94 -0.44 20.33
N GLY C 70 -0.13 0.17 19.82
CA GLY C 70 -0.09 1.58 19.48
C GLY C 70 0.07 2.63 20.57
N TYR C 71 -0.31 2.31 21.80
CA TYR C 71 -0.19 3.28 22.90
C TYR C 71 1.20 3.32 23.51
N ASN C 72 1.56 4.45 24.11
CA ASN C 72 2.86 4.56 24.76
C ASN C 72 2.78 3.88 26.13
N PHE C 73 1.62 3.99 26.77
CA PHE C 73 1.38 3.36 28.06
C PHE C 73 -0.09 2.98 28.15
N LEU C 74 -0.36 1.97 28.94
CA LEU C 74 -1.70 1.50 29.18
C LEU C 74 -1.87 1.55 30.69
N ILE C 75 -3.10 1.75 31.16
CA ILE C 75 -3.40 1.83 32.58
C ILE C 75 -4.34 0.69 32.93
N GLY C 76 -4.10 0.04 34.06
CA GLY C 76 -4.95 -1.06 34.46
C GLY C 76 -5.78 -0.64 35.65
N GLU C 77 -6.83 -1.40 35.94
CA GLU C 77 -7.63 -1.05 37.09
C GLU C 77 -7.01 -1.73 38.29
N ASP C 78 -5.87 -2.36 38.06
CA ASP C 78 -5.16 -3.00 39.13
C ASP C 78 -4.26 -1.94 39.74
N GLY C 79 -4.36 -0.72 39.19
CA GLY C 79 -3.59 0.41 39.68
C GLY C 79 -2.16 0.49 39.19
N LEU C 80 -1.80 -0.33 38.22
CA LEU C 80 -0.46 -0.36 37.66
C LEU C 80 -0.38 0.16 36.23
N VAL C 81 0.76 0.72 35.85
CA VAL C 81 0.98 1.23 34.50
C VAL C 81 1.75 0.18 33.70
N TYR C 82 1.29 -0.09 32.48
CA TYR C 82 1.94 -1.06 31.63
C TYR C 82 2.67 -0.33 30.52
N GLU C 83 3.98 -0.59 30.42
CA GLU C 83 4.81 0.03 29.41
C GLU C 83 4.36 -0.40 28.02
N GLY C 84 4.14 0.58 27.15
CA GLY C 84 3.74 0.28 25.78
C GLY C 84 4.96 0.66 24.95
N ARG C 85 4.83 1.69 24.11
CA ARG C 85 5.97 2.13 23.32
C ARG C 85 6.90 3.04 24.14
N GLY C 86 6.52 3.36 25.37
CA GLY C 86 7.34 4.20 26.22
C GLY C 86 7.37 5.69 25.89
N TRP C 87 8.30 6.41 26.52
CA TRP C 87 8.46 7.86 26.34
C TRP C 87 9.14 8.31 25.06
N ASN C 88 9.93 7.43 24.44
CA ASN C 88 10.71 7.78 23.26
C ASN C 88 10.20 7.37 21.88
N ILE C 89 9.32 6.38 21.80
CA ILE C 89 8.83 5.95 20.50
C ILE C 89 7.42 6.45 20.15
N LYS C 90 7.28 7.08 18.99
CA LYS C 90 6.00 7.59 18.52
C LYS C 90 4.94 6.47 18.54
N GLY C 91 3.79 6.72 19.14
CA GLY C 91 2.76 5.71 19.17
C GLY C 91 1.79 5.89 18.00
N ALA C 92 0.85 4.97 17.86
CA ALA C 92 -0.17 5.03 16.81
C ALA C 92 -1.48 4.94 17.58
N HIS C 93 -1.94 6.07 18.08
CA HIS C 93 -3.13 6.09 18.92
C HIS C 93 -4.11 7.23 18.64
N ALA C 94 -3.61 8.33 18.07
CA ALA C 94 -4.47 9.48 17.80
C ALA C 94 -4.32 10.17 16.43
N GLY C 95 -3.87 9.44 15.42
CA GLY C 95 -3.73 10.02 14.10
C GLY C 95 -2.39 10.65 13.75
N PRO C 96 -2.16 10.93 12.44
CA PRO C 96 -0.91 11.52 11.92
C PRO C 96 -0.56 12.94 12.36
N THR C 97 -1.55 13.71 12.83
CA THR C 97 -1.29 15.05 13.29
C THR C 97 -0.85 14.99 14.76
N TRP C 98 -1.57 14.21 15.56
CA TRP C 98 -1.25 14.12 16.98
C TRP C 98 -0.19 13.12 17.39
N ASN C 99 -0.13 11.97 16.73
CA ASN C 99 0.86 10.98 17.12
C ASN C 99 2.27 11.58 17.31
N PRO C 100 2.78 12.30 16.31
CA PRO C 100 4.11 12.90 16.41
C PRO C 100 4.37 13.92 17.53
N ILE C 101 3.33 14.51 18.09
CA ILE C 101 3.50 15.50 19.15
C ILE C 101 2.90 15.12 20.50
N SER C 102 2.59 13.85 20.70
CA SER C 102 1.99 13.49 21.98
C SER C 102 2.34 12.10 22.47
N ILE C 103 1.97 11.85 23.71
CA ILE C 103 2.13 10.55 24.35
C ILE C 103 0.69 10.09 24.49
N GLY C 104 0.42 8.86 24.06
CA GLY C 104 -0.93 8.37 24.18
C GLY C 104 -1.06 7.33 25.28
N ILE C 105 -1.87 7.63 26.30
CA ILE C 105 -2.07 6.66 27.37
C ILE C 105 -3.49 6.12 27.27
N SER C 106 -3.63 4.81 27.39
CA SER C 106 -4.93 4.17 27.26
C SER C 106 -5.34 3.31 28.46
N PHE C 107 -6.53 3.56 28.98
CA PHE C 107 -7.04 2.80 30.10
C PHE C 107 -7.64 1.53 29.56
N MET C 108 -7.21 0.39 30.09
CA MET C 108 -7.76 -0.86 29.61
C MET C 108 -9.17 -1.07 30.15
N GLY C 109 -10.15 -1.03 29.25
CA GLY C 109 -11.55 -1.18 29.60
C GLY C 109 -12.44 -0.26 28.78
N ASN C 110 -13.75 -0.31 29.00
CA ASN C 110 -14.70 0.54 28.28
C ASN C 110 -15.36 1.40 29.35
N TYR C 111 -15.14 2.71 29.26
CA TYR C 111 -15.65 3.63 30.26
C TYR C 111 -16.81 4.53 29.86
N MET C 112 -17.73 3.96 29.10
CA MET C 112 -18.92 4.69 28.69
C MET C 112 -19.91 4.58 29.84
N ASN C 113 -19.98 3.37 30.41
CA ASN C 113 -20.89 3.12 31.51
C ASN C 113 -20.18 2.74 32.84
N ARG C 114 -18.89 3.06 32.95
CA ARG C 114 -18.10 2.77 34.15
C ARG C 114 -17.06 3.86 34.35
N VAL C 115 -16.86 4.30 35.59
CA VAL C 115 -15.80 5.26 35.84
C VAL C 115 -14.66 4.33 36.20
N PRO C 116 -13.42 4.75 35.97
CA PRO C 116 -12.35 3.84 36.35
C PRO C 116 -12.03 4.09 37.81
N PRO C 117 -11.69 3.03 38.55
CA PRO C 117 -11.36 3.14 39.99
C PRO C 117 -10.27 4.18 40.28
N PRO C 118 -10.25 4.74 41.50
CA PRO C 118 -9.25 5.74 41.88
C PRO C 118 -7.82 5.32 41.67
N ARG C 119 -7.51 4.07 41.97
CA ARG C 119 -6.14 3.62 41.80
C ARG C 119 -5.68 3.66 40.35
N ALA C 120 -6.61 3.51 39.40
CA ALA C 120 -6.21 3.58 38.00
C ALA C 120 -5.97 5.05 37.67
N LEU C 121 -6.78 5.93 38.26
CA LEU C 121 -6.64 7.35 38.04
C LEU C 121 -5.37 7.91 38.69
N ARG C 122 -4.98 7.38 39.84
CA ARG C 122 -3.77 7.86 40.51
C ARG C 122 -2.56 7.43 39.68
N ALA C 123 -2.61 6.22 39.16
CA ALA C 123 -1.53 5.69 38.34
C ALA C 123 -1.30 6.61 37.15
N ALA C 124 -2.38 6.95 36.44
CA ALA C 124 -2.28 7.81 35.28
C ALA C 124 -1.68 9.18 35.60
N GLN C 125 -2.15 9.83 36.66
CA GLN C 125 -1.64 11.14 37.03
C GLN C 125 -0.22 11.14 37.58
N ASN C 126 0.14 10.05 38.23
CA ASN C 126 1.48 9.93 38.75
C ASN C 126 2.40 9.62 37.56
N LEU C 127 1.88 8.87 36.59
CA LEU C 127 2.66 8.54 35.42
C LEU C 127 3.06 9.84 34.73
N LEU C 128 2.10 10.76 34.65
CA LEU C 128 2.34 12.04 34.01
C LEU C 128 3.29 12.90 34.80
N ALA C 129 3.20 12.81 36.12
CA ALA C 129 4.08 13.58 36.99
C ALA C 129 5.49 13.06 36.74
N CYS C 130 5.60 11.75 36.54
CA CYS C 130 6.86 11.06 36.26
C CYS C 130 7.50 11.72 35.04
N GLY C 131 6.79 11.61 33.92
CA GLY C 131 7.26 12.14 32.67
C GLY C 131 7.77 13.57 32.73
N VAL C 132 7.19 14.39 33.58
CA VAL C 132 7.64 15.77 33.71
C VAL C 132 9.02 15.76 34.37
N ALA C 133 9.14 14.95 35.42
CA ALA C 133 10.39 14.85 36.17
C ALA C 133 11.52 14.30 35.29
N LEU C 134 11.18 13.40 34.38
CA LEU C 134 12.15 12.80 33.49
C LEU C 134 12.46 13.69 32.30
N GLY C 135 11.66 14.74 32.12
CA GLY C 135 11.87 15.64 31.01
C GLY C 135 11.22 15.12 29.74
N ALA C 136 10.45 14.05 29.87
CA ALA C 136 9.77 13.46 28.72
C ALA C 136 8.58 14.33 28.30
N LEU C 137 7.87 14.87 29.29
CA LEU C 137 6.72 15.73 29.05
C LEU C 137 7.09 17.13 29.50
N ARG C 138 6.58 18.15 28.81
CA ARG C 138 6.86 19.52 29.18
C ARG C 138 6.15 19.80 30.51
N SER C 139 6.71 20.67 31.34
CA SER C 139 6.08 20.95 32.63
C SER C 139 4.64 21.42 32.51
N ASN C 140 4.31 22.09 31.41
CA ASN C 140 2.95 22.56 31.21
C ASN C 140 2.28 21.75 30.11
N TYR C 141 2.45 20.44 30.16
CA TYR C 141 1.86 19.58 29.15
C TYR C 141 0.34 19.72 29.15
N GLU C 142 -0.26 19.44 28.00
CA GLU C 142 -1.71 19.53 27.82
C GLU C 142 -2.33 18.16 27.58
N VAL C 143 -3.47 17.95 28.23
CA VAL C 143 -4.18 16.69 28.11
C VAL C 143 -5.39 16.85 27.20
N LYS C 144 -5.60 15.87 26.32
CA LYS C 144 -6.73 15.89 25.42
C LYS C 144 -7.41 14.53 25.50
N GLY C 145 -8.73 14.53 25.35
CA GLY C 145 -9.46 13.27 25.35
C GLY C 145 -9.32 12.77 23.92
N HIS C 146 -9.37 11.47 23.72
CA HIS C 146 -9.25 10.95 22.38
C HIS C 146 -10.32 11.59 21.47
N ARG C 147 -11.54 11.69 21.98
CA ARG C 147 -12.63 12.27 21.20
C ARG C 147 -12.42 13.74 20.84
N ASP C 148 -11.40 14.37 21.40
CA ASP C 148 -11.12 15.77 21.10
C ASP C 148 -10.23 15.94 19.86
N VAL C 149 -9.64 14.84 19.37
CA VAL C 149 -8.74 14.90 18.23
C VAL C 149 -9.07 13.92 17.12
N GLN C 150 -9.95 12.98 17.42
CA GLN C 150 -10.37 11.98 16.45
C GLN C 150 -11.83 11.66 16.75
N PRO C 151 -12.57 11.19 15.75
CA PRO C 151 -13.98 10.85 15.94
C PRO C 151 -14.09 9.47 16.59
N THR C 152 -14.58 9.43 17.83
CA THR C 152 -14.70 8.18 18.57
C THR C 152 -15.31 8.48 19.93
N LEU C 153 -15.83 7.47 20.60
CA LEU C 153 -16.44 7.68 21.92
C LEU C 153 -15.34 7.65 23.00
N SER C 154 -14.19 7.10 22.63
CA SER C 154 -13.04 7.01 23.52
C SER C 154 -12.73 8.45 23.96
N PRO C 155 -12.25 8.62 25.21
CA PRO C 155 -12.03 7.64 26.28
C PRO C 155 -13.22 7.00 27.01
N GLY C 156 -14.44 7.37 26.62
CA GLY C 156 -15.60 6.82 27.31
C GLY C 156 -16.22 8.00 28.01
N ASP C 157 -17.54 8.07 28.06
CA ASP C 157 -18.24 9.20 28.69
C ASP C 157 -17.80 9.56 30.10
N ARG C 158 -17.78 8.57 31.00
CA ARG C 158 -17.40 8.80 32.39
C ARG C 158 -15.96 9.25 32.50
N LEU C 159 -15.06 8.45 31.94
CA LEU C 159 -13.65 8.76 31.96
C LEU C 159 -13.36 10.10 31.34
N TYR C 160 -14.12 10.45 30.30
CA TYR C 160 -13.95 11.73 29.61
C TYR C 160 -14.41 12.86 30.52
N GLU C 161 -15.48 12.59 31.25
CA GLU C 161 -16.05 13.54 32.20
C GLU C 161 -14.96 13.91 33.21
N ILE C 162 -14.29 12.91 33.75
CA ILE C 162 -13.23 13.12 34.73
C ILE C 162 -12.07 13.96 34.18
N ILE C 163 -11.41 13.50 33.11
CA ILE C 163 -10.26 14.23 32.58
C ILE C 163 -10.52 15.70 32.28
N GLN C 164 -11.76 16.04 31.95
CA GLN C 164 -12.11 17.44 31.66
C GLN C 164 -11.81 18.36 32.85
N THR C 165 -11.81 17.79 34.06
CA THR C 165 -11.52 18.57 35.25
C THR C 165 -10.03 18.66 35.57
N TRP C 166 -9.22 17.76 35.00
CA TRP C 166 -7.79 17.78 35.29
C TRP C 166 -7.11 19.13 35.08
N SER C 167 -6.21 19.46 35.99
CA SER C 167 -5.46 20.70 35.96
C SER C 167 -4.77 20.93 34.61
N HIS C 168 -4.40 19.86 33.92
CA HIS C 168 -3.72 20.00 32.65
C HIS C 168 -4.61 19.89 31.41
N TYR C 169 -5.89 19.57 31.59
CA TYR C 169 -6.80 19.45 30.44
C TYR C 169 -6.86 20.75 29.65
N ARG C 170 -7.08 20.62 28.35
CA ARG C 170 -7.19 21.78 27.49
C ARG C 170 -8.15 21.48 26.34
N ALA C 171 -9.15 22.34 26.20
CA ALA C 171 -10.18 22.20 25.16
C ALA C 171 -9.62 22.24 23.75
N GLU D 1 -26.30 1.59 -21.23
CA GLU D 1 -25.36 2.37 -20.43
C GLU D 1 -25.56 3.89 -20.61
N ASP D 2 -26.37 4.39 -19.70
CA ASP D 2 -26.97 5.72 -19.59
C ASP D 2 -26.45 6.21 -18.27
N PRO D 3 -25.14 6.33 -18.28
CA PRO D 3 -24.27 6.40 -17.10
C PRO D 3 -24.88 6.28 -15.71
N PRO D 4 -25.82 7.17 -15.38
CA PRO D 4 -26.49 7.18 -14.09
C PRO D 4 -26.65 5.74 -13.61
N ALA D 5 -27.77 5.12 -13.92
CA ALA D 5 -27.85 3.71 -13.73
C ALA D 5 -27.45 3.53 -12.28
N CYS D 6 -27.60 4.60 -11.50
CA CYS D 6 -27.40 4.50 -10.07
C CYS D 6 -27.52 5.75 -9.24
N GLY D 7 -27.35 5.54 -7.94
CA GLY D 7 -27.36 6.60 -6.97
C GLY D 7 -28.61 7.38 -6.60
N SER D 8 -29.23 6.99 -5.50
CA SER D 8 -30.37 7.72 -5.01
C SER D 8 -29.71 8.26 -3.75
N ILE D 9 -28.96 9.33 -3.96
CA ILE D 9 -28.19 9.98 -2.92
C ILE D 9 -28.72 11.36 -2.55
N VAL D 10 -28.85 11.61 -1.26
CA VAL D 10 -29.29 12.91 -0.78
C VAL D 10 -28.02 13.75 -0.95
N PRO D 11 -28.07 14.80 -1.79
CA PRO D 11 -26.93 15.69 -2.04
C PRO D 11 -26.56 16.58 -0.86
N ARG D 12 -25.35 17.11 -0.87
CA ARG D 12 -24.86 17.98 0.22
C ARG D 12 -25.85 19.10 0.57
N ARG D 13 -26.06 20.03 -0.36
CA ARG D 13 -26.97 21.15 -0.16
C ARG D 13 -28.30 20.70 0.43
N GLU D 14 -28.84 19.59 -0.06
CA GLU D 14 -30.11 19.09 0.45
C GLU D 14 -30.09 18.84 1.96
N TRP D 15 -28.97 18.39 2.51
CA TRP D 15 -28.92 18.17 3.96
C TRP D 15 -28.20 19.33 4.63
N ARG D 16 -28.08 20.42 3.89
CA ARG D 16 -27.47 21.67 4.37
C ARG D 16 -26.02 21.60 4.83
N ALA D 17 -25.25 20.67 4.31
CA ALA D 17 -23.85 20.53 4.68
C ALA D 17 -23.08 21.83 4.57
N LEU D 18 -22.13 22.04 5.48
CA LEU D 18 -21.31 23.25 5.41
C LEU D 18 -20.41 22.95 4.22
N ALA D 19 -19.96 23.98 3.52
CA ALA D 19 -19.11 23.76 2.36
C ALA D 19 -17.80 23.07 2.73
N SER D 20 -17.33 22.20 1.85
CA SER D 20 -16.09 21.50 2.09
C SER D 20 -14.91 22.38 1.72
N GLU D 21 -13.77 22.11 2.33
CA GLU D 21 -12.54 22.85 2.06
C GLU D 21 -11.52 21.82 1.59
N CYS D 22 -11.93 20.56 1.53
CA CYS D 22 -11.01 19.52 1.15
C CYS D 22 -10.60 19.52 -0.33
N ARG D 23 -9.28 19.46 -0.55
CA ARG D 23 -8.68 19.47 -1.88
C ARG D 23 -8.29 18.09 -2.36
N GLU D 24 -7.59 17.37 -1.50
CA GLU D 24 -7.07 16.05 -1.82
C GLU D 24 -8.00 15.02 -2.43
N ARG D 25 -7.54 14.43 -3.53
CA ARG D 25 -8.31 13.45 -4.30
C ARG D 25 -7.89 12.01 -4.19
N LEU D 26 -8.81 11.15 -4.61
CA LEU D 26 -8.63 9.71 -4.65
C LEU D 26 -8.38 9.43 -6.12
N THR D 27 -7.66 8.37 -6.39
CA THR D 27 -7.38 7.99 -7.77
C THR D 27 -8.33 6.85 -8.12
N ARG D 28 -9.27 7.12 -9.01
CA ARG D 28 -10.20 6.08 -9.42
C ARG D 28 -9.55 5.20 -10.49
N PRO D 29 -9.96 3.92 -10.58
CA PRO D 29 -10.97 3.27 -9.72
C PRO D 29 -10.39 2.91 -8.36
N VAL D 30 -11.18 3.13 -7.30
CA VAL D 30 -10.76 2.81 -5.95
C VAL D 30 -11.00 1.32 -5.67
N ARG D 31 -10.07 0.70 -4.96
CA ARG D 31 -10.14 -0.72 -4.65
C ARG D 31 -10.75 -1.10 -3.30
N TYR D 32 -10.71 -0.20 -2.33
CA TYR D 32 -11.21 -0.50 -1.01
C TYR D 32 -12.36 0.34 -0.47
N VAL D 33 -13.22 -0.30 0.32
CA VAL D 33 -14.33 0.36 0.96
C VAL D 33 -14.25 -0.03 2.42
N VAL D 34 -14.14 0.96 3.29
CA VAL D 34 -14.08 0.70 4.72
C VAL D 34 -15.41 1.08 5.37
N VAL D 35 -16.09 0.08 5.92
CA VAL D 35 -17.39 0.29 6.57
C VAL D 35 -17.32 0.57 8.07
N SER D 36 -17.77 1.75 8.46
CA SER D 36 -17.75 2.12 9.87
C SER D 36 -19.16 2.51 10.31
N HIS D 37 -19.32 2.85 11.59
CA HIS D 37 -20.61 3.31 12.12
C HIS D 37 -20.25 4.57 12.90
N THR D 38 -21.18 5.52 13.02
CA THR D 38 -20.87 6.76 13.74
C THR D 38 -20.80 6.57 15.25
N ALA D 39 -21.34 5.44 15.72
CA ALA D 39 -21.35 5.11 17.14
C ALA D 39 -22.26 6.00 17.96
N GLY D 40 -22.85 6.99 17.30
CA GLY D 40 -23.75 7.89 17.99
C GLY D 40 -25.18 7.42 17.82
N SER D 41 -26.12 8.36 17.80
CA SER D 41 -27.52 8.04 17.64
C SER D 41 -27.87 7.58 16.21
N HIS D 42 -29.09 7.05 16.05
CA HIS D 42 -29.58 6.61 14.75
C HIS D 42 -30.74 7.53 14.35
N CYS D 43 -31.22 7.40 13.12
CA CYS D 43 -32.31 8.25 12.61
C CYS D 43 -33.11 7.48 11.57
N ASP D 44 -34.44 7.63 11.54
CA ASP D 44 -35.22 6.90 10.54
C ASP D 44 -36.22 7.69 9.69
N THR D 45 -35.97 8.98 9.52
CA THR D 45 -36.81 9.84 8.69
C THR D 45 -35.83 10.76 8.03
N PRO D 46 -36.15 11.20 6.79
CA PRO D 46 -35.31 12.10 6.00
C PRO D 46 -34.93 13.34 6.77
N ALA D 47 -35.88 13.84 7.55
CA ALA D 47 -35.69 15.04 8.36
C ALA D 47 -34.64 14.82 9.45
N SER D 48 -34.76 13.71 10.17
CA SER D 48 -33.82 13.40 11.23
C SER D 48 -32.45 12.98 10.66
N CYS D 49 -32.44 12.00 9.77
CA CYS D 49 -31.16 11.58 9.22
C CYS D 49 -30.36 12.74 8.63
N ALA D 50 -31.07 13.73 8.08
CA ALA D 50 -30.44 14.90 7.50
C ALA D 50 -29.88 15.79 8.60
N GLN D 51 -30.57 15.78 9.75
CA GLN D 51 -30.17 16.56 10.91
C GLN D 51 -28.82 16.03 11.40
N GLN D 52 -28.80 14.71 11.52
CA GLN D 52 -27.65 13.96 11.99
C GLN D 52 -26.37 14.06 11.17
N ALA D 53 -26.51 14.15 9.84
CA ALA D 53 -25.34 14.27 8.98
C ALA D 53 -24.76 15.64 9.20
N GLN D 54 -25.64 16.57 9.53
CA GLN D 54 -25.24 17.94 9.77
C GLN D 54 -24.47 18.00 11.10
N ASN D 55 -24.93 17.24 12.09
CA ASN D 55 -24.27 17.22 13.39
C ASN D 55 -22.92 16.52 13.23
N VAL D 56 -22.95 15.28 12.76
CA VAL D 56 -21.73 14.53 12.55
C VAL D 56 -20.68 15.43 11.94
N GLN D 57 -21.06 16.09 10.83
CA GLN D 57 -20.18 17.00 10.14
C GLN D 57 -19.73 18.18 11.00
N SER D 58 -20.61 18.66 11.87
CA SER D 58 -20.29 19.78 12.74
C SER D 58 -19.15 19.37 13.67
N TYR D 59 -19.25 18.16 14.20
CA TYR D 59 -18.23 17.59 15.08
C TYR D 59 -16.89 17.60 14.33
N HIS D 60 -16.81 16.86 13.23
CA HIS D 60 -15.59 16.81 12.45
C HIS D 60 -15.08 18.20 12.04
N VAL D 61 -15.97 19.13 11.71
CA VAL D 61 -15.55 20.47 11.28
C VAL D 61 -15.36 21.50 12.41
N ARG D 62 -16.38 21.64 13.26
CA ARG D 62 -16.32 22.59 14.37
C ARG D 62 -15.37 22.10 15.45
N ASN D 63 -15.60 20.89 15.95
CA ASN D 63 -14.79 20.31 17.03
C ASN D 63 -13.39 19.87 16.67
N LEU D 64 -13.24 19.08 15.61
CA LEU D 64 -11.93 18.58 15.21
C LEU D 64 -11.22 19.51 14.24
N GLY D 65 -11.95 20.47 13.70
CA GLY D 65 -11.36 21.40 12.76
C GLY D 65 -11.04 20.82 11.39
N TRP D 66 -11.67 19.69 11.04
CA TRP D 66 -11.44 19.06 9.74
C TRP D 66 -12.05 19.83 8.56
N CYS D 67 -11.48 19.67 7.37
CA CYS D 67 -11.95 20.34 6.15
C CYS D 67 -13.33 19.92 5.63
N ASP D 68 -13.87 18.83 6.14
CA ASP D 68 -15.22 18.42 5.86
C ASP D 68 -15.57 17.17 6.63
N VAL D 69 -16.82 16.75 6.67
CA VAL D 69 -17.14 15.50 7.34
C VAL D 69 -16.11 14.49 6.85
N GLY D 70 -15.71 13.58 7.73
CA GLY D 70 -14.70 12.61 7.35
C GLY D 70 -15.11 11.52 6.38
N TYR D 71 -16.36 11.10 6.44
CA TYR D 71 -16.85 10.03 5.59
C TYR D 71 -17.15 10.45 4.19
N ASN D 72 -16.88 9.57 3.22
CA ASN D 72 -17.17 9.89 1.83
C ASN D 72 -18.70 9.87 1.65
N PHE D 73 -19.37 8.98 2.38
CA PHE D 73 -20.84 8.85 2.36
C PHE D 73 -21.36 8.40 3.73
N LEU D 74 -22.61 8.73 4.04
CA LEU D 74 -23.22 8.28 5.29
C LEU D 74 -24.53 7.55 4.94
N ILE D 75 -24.84 6.49 5.66
CA ILE D 75 -26.04 5.69 5.44
C ILE D 75 -27.07 5.93 6.55
N GLY D 76 -28.27 6.40 6.19
CA GLY D 76 -29.27 6.64 7.21
C GLY D 76 -30.22 5.47 7.37
N GLU D 77 -30.86 5.36 8.53
CA GLU D 77 -31.81 4.26 8.70
C GLU D 77 -33.11 4.65 7.99
N ASP D 78 -33.11 5.85 7.42
CA ASP D 78 -34.26 6.29 6.67
C ASP D 78 -34.17 5.58 5.31
N GLY D 79 -33.07 4.86 5.09
CA GLY D 79 -32.87 4.13 3.85
C GLY D 79 -32.28 4.98 2.74
N LEU D 80 -31.78 6.15 3.11
CA LEU D 80 -31.17 7.05 2.15
C LEU D 80 -29.67 7.11 2.41
N VAL D 81 -28.92 7.50 1.38
CA VAL D 81 -27.48 7.64 1.48
C VAL D 81 -27.24 9.13 1.48
N TYR D 82 -26.38 9.60 2.38
CA TYR D 82 -26.07 11.02 2.43
C TYR D 82 -24.69 11.23 1.88
N GLU D 83 -24.59 12.21 0.98
CA GLU D 83 -23.32 12.52 0.36
C GLU D 83 -22.34 13.19 1.31
N GLY D 84 -21.12 12.65 1.34
CA GLY D 84 -20.08 13.20 2.19
C GLY D 84 -19.03 13.79 1.27
N ARG D 85 -17.78 13.38 1.46
CA ARG D 85 -16.71 13.86 0.62
C ARG D 85 -16.87 13.30 -0.77
N GLY D 86 -17.68 12.24 -0.89
CA GLY D 86 -17.94 11.63 -2.19
C GLY D 86 -16.93 10.63 -2.73
N TRP D 87 -17.06 10.38 -4.03
CA TRP D 87 -16.23 9.44 -4.79
C TRP D 87 -14.80 9.87 -5.13
N ASN D 88 -14.56 11.17 -5.24
CA ASN D 88 -13.25 11.65 -5.67
C ASN D 88 -12.36 12.33 -4.66
N ILE D 89 -12.90 12.60 -3.48
CA ILE D 89 -12.14 13.28 -2.46
C ILE D 89 -11.71 12.38 -1.30
N LYS D 90 -10.43 12.45 -0.94
CA LYS D 90 -9.88 11.63 0.14
C LYS D 90 -10.58 11.90 1.47
N GLY D 91 -11.05 10.82 2.10
CA GLY D 91 -11.74 10.97 3.37
C GLY D 91 -10.79 10.98 4.54
N ALA D 92 -11.35 11.15 5.73
CA ALA D 92 -10.60 11.15 6.97
C ALA D 92 -11.43 10.19 7.81
N HIS D 93 -11.28 8.90 7.54
CA HIS D 93 -12.09 7.90 8.23
C HIS D 93 -11.41 6.59 8.65
N ALA D 94 -10.18 6.33 8.19
CA ALA D 94 -9.54 5.07 8.54
C ALA D 94 -8.01 5.13 8.69
N GLY D 95 -7.46 6.29 9.00
CA GLY D 95 -6.03 6.43 9.14
C GLY D 95 -5.32 6.81 7.86
N PRO D 96 -4.07 7.28 7.97
CA PRO D 96 -3.27 7.71 6.80
C PRO D 96 -2.90 6.59 5.81
N THR D 97 -3.01 5.33 6.24
CA THR D 97 -2.69 4.21 5.37
C THR D 97 -3.86 3.94 4.43
N TRP D 98 -5.04 3.75 5.00
CA TRP D 98 -6.22 3.45 4.20
C TRP D 98 -7.01 4.62 3.59
N ASN D 99 -6.90 5.83 4.15
CA ASN D 99 -7.66 6.97 3.60
C ASN D 99 -7.40 7.28 2.11
N PRO D 100 -6.13 7.24 1.66
CA PRO D 100 -5.81 7.54 0.25
C PRO D 100 -6.21 6.45 -0.72
N ILE D 101 -6.62 5.31 -0.20
CA ILE D 101 -6.95 4.22 -1.11
C ILE D 101 -8.30 3.56 -0.91
N SER D 102 -9.23 4.28 -0.28
CA SER D 102 -10.54 3.70 -0.04
C SER D 102 -11.66 4.74 -0.01
N ILE D 103 -12.88 4.24 0.04
CA ILE D 103 -14.07 5.06 0.15
C ILE D 103 -14.55 4.69 1.55
N GLY D 104 -14.89 5.68 2.37
CA GLY D 104 -15.36 5.35 3.69
C GLY D 104 -16.84 5.61 3.88
N ILE D 105 -17.63 4.56 4.08
CA ILE D 105 -19.05 4.76 4.29
C ILE D 105 -19.36 4.50 5.76
N SER D 106 -20.10 5.42 6.37
CA SER D 106 -20.44 5.28 7.78
C SER D 106 -21.94 5.21 8.00
N PHE D 107 -22.38 4.16 8.68
CA PHE D 107 -23.80 4.03 9.01
C PHE D 107 -24.03 4.97 10.19
N MET D 108 -25.17 5.64 10.24
CA MET D 108 -25.43 6.56 11.33
C MET D 108 -26.13 5.87 12.49
N GLY D 109 -25.35 5.54 13.52
CA GLY D 109 -25.88 4.89 14.70
C GLY D 109 -24.83 4.00 15.32
N ASN D 110 -25.22 3.19 16.31
CA ASN D 110 -24.28 2.27 16.95
C ASN D 110 -24.83 0.86 16.75
N TYR D 111 -24.08 0.03 16.05
CA TYR D 111 -24.54 -1.30 15.76
C TYR D 111 -23.86 -2.40 16.55
N MET D 112 -23.46 -2.08 17.78
CA MET D 112 -22.81 -3.05 18.68
C MET D 112 -23.81 -4.13 19.07
N ASN D 113 -25.00 -3.68 19.45
CA ASN D 113 -26.08 -4.57 19.90
C ASN D 113 -27.28 -4.51 18.95
N ARG D 114 -27.25 -3.53 18.06
CA ARG D 114 -28.31 -3.25 17.09
C ARG D 114 -27.90 -3.65 15.65
N VAL D 115 -28.88 -3.86 14.77
CA VAL D 115 -28.55 -4.15 13.38
C VAL D 115 -29.30 -3.07 12.62
N PRO D 116 -28.74 -2.62 11.49
CA PRO D 116 -29.40 -1.59 10.70
C PRO D 116 -30.58 -2.26 10.02
N PRO D 117 -31.61 -1.48 9.69
CA PRO D 117 -32.75 -2.11 9.02
C PRO D 117 -32.43 -2.47 7.57
N PRO D 118 -33.14 -3.47 7.00
CA PRO D 118 -32.87 -3.86 5.62
C PRO D 118 -32.68 -2.70 4.65
N ARG D 119 -33.53 -1.69 4.74
CA ARG D 119 -33.43 -0.53 3.84
C ARG D 119 -32.12 0.24 3.95
N ALA D 120 -31.44 0.14 5.09
CA ALA D 120 -30.16 0.83 5.25
C ALA D 120 -29.08 -0.03 4.58
N LEU D 121 -29.23 -1.34 4.71
CA LEU D 121 -28.29 -2.28 4.11
C LEU D 121 -28.44 -2.21 2.59
N ARG D 122 -29.66 -2.02 2.10
CA ARG D 122 -29.87 -1.96 0.66
C ARG D 122 -29.22 -0.70 0.12
N ALA D 123 -29.42 0.42 0.82
CA ALA D 123 -28.84 1.67 0.38
C ALA D 123 -27.32 1.53 0.28
N ALA D 124 -26.72 0.81 1.22
CA ALA D 124 -25.28 0.61 1.23
C ALA D 124 -24.82 -0.20 0.03
N GLN D 125 -25.46 -1.34 -0.20
CA GLN D 125 -25.12 -2.22 -1.29
C GLN D 125 -25.40 -1.61 -2.65
N ASN D 126 -26.44 -0.80 -2.74
CA ASN D 126 -26.79 -0.18 -4.00
C ASN D 126 -25.77 0.91 -4.33
N LEU D 127 -25.36 1.64 -3.29
CA LEU D 127 -24.39 2.72 -3.43
C LEU D 127 -23.10 2.24 -4.03
N LEU D 128 -22.63 1.10 -3.52
CA LEU D 128 -21.39 0.51 -4.00
C LEU D 128 -21.52 0.04 -5.45
N ALA D 129 -22.60 -0.65 -5.77
CA ALA D 129 -22.82 -1.10 -7.14
C ALA D 129 -22.76 0.13 -8.07
N CYS D 130 -23.26 1.25 -7.58
CA CYS D 130 -23.28 2.55 -8.26
C CYS D 130 -21.85 2.97 -8.51
N GLY D 131 -21.05 2.86 -7.46
CA GLY D 131 -19.65 3.22 -7.53
C GLY D 131 -18.94 2.45 -8.62
N VAL D 132 -19.25 1.16 -8.70
CA VAL D 132 -18.63 0.33 -9.72
C VAL D 132 -19.11 0.76 -11.11
N ALA D 133 -20.40 1.03 -11.25
CA ALA D 133 -20.96 1.46 -12.53
C ALA D 133 -20.39 2.77 -13.03
N LEU D 134 -19.96 3.64 -12.12
CA LEU D 134 -19.41 4.94 -12.49
C LEU D 134 -17.91 4.86 -12.70
N GLY D 135 -17.35 3.71 -12.34
CA GLY D 135 -15.92 3.53 -12.48
C GLY D 135 -15.21 4.18 -11.30
N ALA D 136 -15.96 4.44 -10.23
CA ALA D 136 -15.37 5.04 -9.05
C ALA D 136 -14.71 3.93 -8.24
N LEU D 137 -15.32 2.77 -8.21
CA LEU D 137 -14.76 1.63 -7.49
C LEU D 137 -14.38 0.54 -8.49
N ARG D 138 -13.42 -0.29 -8.13
CA ARG D 138 -13.02 -1.37 -9.01
C ARG D 138 -14.14 -2.39 -8.99
N SER D 139 -14.30 -3.13 -10.08
CA SER D 139 -15.37 -4.11 -10.12
C SER D 139 -15.05 -5.29 -9.19
N ASN D 140 -13.84 -5.29 -8.62
CA ASN D 140 -13.47 -6.33 -7.68
C ASN D 140 -12.97 -5.63 -6.42
N TYR D 141 -13.67 -4.55 -6.06
CA TYR D 141 -13.35 -3.78 -4.87
C TYR D 141 -13.45 -4.68 -3.65
N GLU D 142 -12.75 -4.28 -2.59
CA GLU D 142 -12.75 -5.06 -1.36
C GLU D 142 -13.32 -4.24 -0.21
N VAL D 143 -14.20 -4.86 0.57
CA VAL D 143 -14.78 -4.17 1.71
C VAL D 143 -14.10 -4.62 2.99
N LYS D 144 -13.87 -3.71 3.91
CA LYS D 144 -13.24 -4.03 5.19
C LYS D 144 -14.11 -3.41 6.25
N GLY D 145 -14.11 -4.02 7.43
CA GLY D 145 -14.83 -3.43 8.53
C GLY D 145 -13.77 -2.47 9.03
N HIS D 146 -14.18 -1.39 9.67
CA HIS D 146 -13.28 -0.40 10.21
C HIS D 146 -12.28 -1.05 11.21
N ARG D 147 -12.76 -1.98 12.03
CA ARG D 147 -11.93 -2.67 13.02
C ARG D 147 -10.92 -3.59 12.35
N ASP D 148 -11.01 -3.74 11.04
CA ASP D 148 -10.06 -4.61 10.34
C ASP D 148 -8.82 -3.80 9.99
N VAL D 149 -8.92 -2.48 10.09
CA VAL D 149 -7.81 -1.61 9.75
C VAL D 149 -7.45 -0.55 10.79
N GLN D 150 -8.28 -0.41 11.82
CA GLN D 150 -8.01 0.56 12.87
C GLN D 150 -8.49 -0.06 14.16
N PRO D 151 -7.91 0.35 15.30
CA PRO D 151 -8.33 -0.20 16.59
C PRO D 151 -9.56 0.59 17.03
N THR D 152 -10.70 -0.07 16.93
CA THR D 152 -11.99 0.51 17.25
C THR D 152 -13.03 -0.60 17.26
N LEU D 153 -14.19 -0.33 17.84
CA LEU D 153 -15.24 -1.33 17.85
C LEU D 153 -16.02 -1.18 16.53
N SER D 154 -15.91 -0.01 15.90
CA SER D 154 -16.58 0.25 14.65
C SER D 154 -16.31 -0.92 13.71
N PRO D 155 -17.32 -1.35 12.93
CA PRO D 155 -18.68 -0.83 12.77
C PRO D 155 -19.78 -1.40 13.69
N GLY D 156 -19.41 -2.00 14.82
CA GLY D 156 -20.40 -2.59 15.70
C GLY D 156 -20.47 -4.06 15.36
N ASP D 157 -20.48 -4.90 16.40
CA ASP D 157 -20.52 -6.36 16.26
C ASP D 157 -21.56 -6.97 15.33
N ARG D 158 -22.76 -6.42 15.35
CA ARG D 158 -23.84 -6.93 14.53
C ARG D 158 -23.61 -6.62 13.05
N LEU D 159 -23.28 -5.37 12.75
CA LEU D 159 -23.01 -4.97 11.37
C LEU D 159 -21.72 -5.64 10.87
N TYR D 160 -20.68 -5.65 11.70
CA TYR D 160 -19.42 -6.28 11.32
C TYR D 160 -19.77 -7.69 10.89
N GLU D 161 -20.61 -8.35 11.68
CA GLU D 161 -21.04 -9.71 11.42
C GLU D 161 -21.75 -9.78 10.07
N ILE D 162 -22.53 -8.76 9.77
CA ILE D 162 -23.25 -8.71 8.51
C ILE D 162 -22.33 -8.53 7.30
N ILE D 163 -21.47 -7.51 7.30
CA ILE D 163 -20.62 -7.30 6.12
C ILE D 163 -19.65 -8.44 5.84
N GLN D 164 -19.44 -9.31 6.82
CA GLN D 164 -18.54 -10.44 6.59
C GLN D 164 -19.12 -11.46 5.62
N THR D 165 -20.43 -11.37 5.38
CA THR D 165 -21.11 -12.28 4.45
C THR D 165 -21.01 -11.76 3.02
N TRP D 166 -20.72 -10.48 2.87
CA TRP D 166 -20.63 -9.82 1.57
C TRP D 166 -19.67 -10.38 0.54
N SER D 167 -20.19 -10.41 -0.69
CA SER D 167 -19.45 -10.87 -1.84
C SER D 167 -18.09 -10.17 -1.91
N HIS D 168 -18.06 -8.89 -1.58
CA HIS D 168 -16.83 -8.13 -1.64
C HIS D 168 -15.99 -8.01 -0.37
N TYR D 169 -16.36 -8.72 0.68
CA TYR D 169 -15.58 -8.65 1.90
C TYR D 169 -14.27 -9.42 1.81
N ARG D 170 -13.15 -8.77 2.17
CA ARG D 170 -11.82 -9.37 2.15
C ARG D 170 -11.19 -9.06 3.51
N ALA D 171 -11.11 -10.09 4.35
CA ALA D 171 -10.57 -10.01 5.71
C ALA D 171 -9.14 -9.53 5.85
O2 PNR E . -1.86 -1.76 -8.84
N1 PNR E . -0.98 -2.33 -8.15
O1 PNR E . -0.52 -1.81 -7.12
C22 PNR E . -0.51 -3.58 -8.60
C21 PNR E . 0.87 -3.74 -8.90
C20 PNR E . 1.34 -4.97 -9.35
C23 PNR E . -1.40 -4.68 -8.78
C24 PNR E . -0.95 -5.96 -9.24
C19 PNR E . 0.45 -6.06 -9.53
O18 PNR E . 0.94 -7.28 -10.00
C16 PNR E . 2.13 -7.95 -9.47
O17 PNR E . 3.20 -7.36 -9.47
C15 PNR E . 2.00 -9.35 -8.93
C14 PNR E . 2.29 -10.40 -10.00
C13 PNR E . 2.13 -11.77 -9.37
C12 PNR E . 3.07 -12.84 -9.91
C11 PNR E . 3.82 -13.62 -8.81
C10 PNR E . 2.87 -14.25 -7.79
C9 PNR E . 2.41 -15.59 -8.32
C8 PNR E . 1.45 -16.24 -7.33
C7 PNR E . 1.02 -17.57 -7.91
C6 PNR E . 0.62 -18.62 -6.86
C5 PNR E . -0.52 -19.52 -7.35
C4 PNR E . -0.11 -20.42 -8.53
C3 PNR E . 0.40 -21.79 -8.07
C2 PNR E . -0.15 -22.94 -8.92
C1 PNR E . -1.59 -23.33 -8.56
C1 NAG F . -0.91 4.48 10.17
C2 NAG F . -1.91 3.67 11.02
C3 NAG F . -2.73 4.68 11.84
C4 NAG F . -1.78 5.53 12.71
C5 NAG F . -0.71 6.20 11.84
C6 NAG F . 0.33 6.91 12.67
C7 NAG F . -2.42 1.62 9.80
C8 NAG F . -0.95 1.21 9.89
N2 NAG F . -2.75 2.87 10.13
O1 NAG F . -0.15 3.61 9.41
O3 NAG F . -3.67 4.02 12.67
O4 NAG F . -2.53 6.55 13.37
O5 NAG F . -0.02 5.21 11.03
O6 NAG F . 0.28 8.33 12.50
O7 NAG F . -3.24 0.78 9.41
C1 GOL G . -16.17 5.78 13.31
O1 GOL G . -15.65 6.93 12.68
C2 GOL G . -15.83 5.81 14.80
O2 GOL G . -14.52 6.31 14.99
C3 GOL G . -16.83 6.68 15.56
O3 GOL G . -16.88 6.30 16.75
O1 TLA H . -16.84 3.74 17.21
O11 TLA H . -17.57 2.03 18.20
C1 TLA H . -16.98 3.09 18.22
C2 TLA H . -16.42 3.58 19.51
O2 TLA H . -15.70 4.75 19.31
C3 TLA H . -15.45 2.56 20.06
O3 TLA H . -14.35 2.39 19.21
C4 TLA H . -14.90 3.08 21.33
O4 TLA H . -13.71 3.24 21.47
O41 TLA H . -15.66 3.34 22.23
O2 PNR I . -8.58 18.03 7.31
N1 PNR I . -8.64 16.82 7.33
O1 PNR I . -9.44 16.18 6.64
C22 PNR I . -7.77 16.12 8.17
C21 PNR I . -6.44 16.47 8.36
C20 PNR I . -5.64 15.72 9.21
C23 PNR I . -8.31 15.04 8.80
C24 PNR I . -7.54 14.29 9.59
C19 PNR I . -6.20 14.61 9.84
O18 PNR I . -5.50 13.83 10.70
C16 PNR I . -6.17 13.46 11.93
O17 PNR I . -6.40 14.38 12.67
C15 PNR I . -6.66 12.07 12.21
C14 PNR I . -7.47 11.49 11.06
C13 PNR I . -8.03 10.12 11.43
C12 PNR I . -8.86 9.51 10.32
C11 PNR I . -9.66 8.30 10.80
C10 PNR I . -10.32 8.41 12.17
C9 PNR I . -10.20 7.12 12.96
C8 PNR I . -10.78 7.16 14.38
C7 PNR I . -10.88 5.77 15.01
C6 PNR I . -9.84 5.57 16.10
C5 PNR I . -8.62 4.72 15.74
C4 PNR I . -7.30 5.49 15.94
C3 PNR I . -6.13 4.59 16.25
C2 PNR I . -4.84 4.88 15.53
C1 PNR I . -4.42 6.32 15.57
#